data_3C66
#
_entry.id   3C66
#
_cell.length_a   111.124
_cell.length_b   184.211
_cell.length_c   73.534
_cell.angle_alpha   90.00
_cell.angle_beta   90.00
_cell.angle_gamma   90.00
#
_symmetry.space_group_name_H-M   'P 21 21 2'
#
loop_
_entity.id
_entity.type
_entity.pdbx_description
1 polymer 'Poly(A) polymerase'
2 polymer 'Pre-mRNA polyadenylation factor FIP1'
3 non-polymer '2-(N-MORPHOLINO)-ETHANESULFONIC ACID'
4 non-polymer GLYCEROL
5 water water
#
loop_
_entity_poly.entity_id
_entity_poly.type
_entity_poly.pdbx_seq_one_letter_code
_entity_poly.pdbx_strand_id
1 'polypeptide(L)'
;MSSQKVFGITGPVSTVGATAAENKLNDSLIQELKKEGSFETEQETANRVQVLKILQELAQRFVYEVSKKKNMSDGMARDA
GGKIFTYGSYRLGVHGPGSDIDTLVVVPKHVTREDFFTVFDSLLRERKELDEIAPVPDAFVPIIKIKFSGISIDLICARL
DQPQVPLSLTLSDKNLLRNLDEKDLRALNGTRVTDEILELVPKPNVFRIALRAIKLWAQRRAVYANIFGFPGGVAWAMLV
ARICQLYPNACSAVILNRFFIILSEWNWPQPVILKPIEDGPLQVRVWNPKIYAQDRSHRMPVITPAYPSMCATHNITEST
KKVILQEFVRGVQITNDIFSNKKSWANLFEKNDFFFRYKFYLEITAYTRGSDEQHLKWSGLVESKVRLLVMKLEVLAGIK
IAHPFTKPFESSYCCPTEDDYEMIQDKYGSHKTETALNALKLVTDENKEEESIKDAPKAYLSTMYIGLDFNIENKKEKVD
IHIPCTEFVNLCRSFNEDYGDHKVFNLALRFVKGYDLPDEVFDENEKRPSKKSKRKN
;
A,B
2 'polypeptide(L)' DLEVIISLGPDPTRLDAKLLDSYSTA C,D
#
# COMPACT_ATOMS: atom_id res chain seq x y z
N SER A 3 13.03 -17.15 -8.70
CA SER A 3 13.27 -18.18 -9.78
C SER A 3 12.56 -17.74 -11.08
N GLN A 4 11.23 -17.64 -10.97
CA GLN A 4 10.37 -17.00 -11.95
C GLN A 4 10.37 -15.50 -11.68
N LYS A 5 11.22 -15.06 -10.75
CA LYS A 5 11.30 -13.64 -10.36
C LYS A 5 11.66 -12.79 -11.58
N VAL A 6 12.38 -13.44 -12.49
CA VAL A 6 12.97 -12.84 -13.68
C VAL A 6 11.92 -12.53 -14.73
N PHE A 7 10.70 -13.00 -14.52
CA PHE A 7 9.61 -12.73 -15.44
C PHE A 7 8.58 -11.76 -14.83
N GLY A 8 8.92 -11.17 -13.68
CA GLY A 8 8.08 -10.14 -13.07
C GLY A 8 6.73 -10.59 -12.55
N ILE A 9 5.95 -9.65 -12.03
CA ILE A 9 4.79 -9.96 -11.21
C ILE A 9 3.56 -10.51 -11.94
N THR A 10 3.63 -10.63 -13.26
CA THR A 10 2.49 -11.13 -14.05
C THR A 10 2.92 -12.17 -15.06
N GLY A 11 4.18 -12.59 -14.97
CA GLY A 11 4.78 -13.49 -15.95
C GLY A 11 4.99 -12.81 -17.29
N PRO A 12 5.45 -13.54 -18.30
CA PRO A 12 5.77 -12.92 -19.59
C PRO A 12 4.50 -12.57 -20.35
N VAL A 13 4.62 -11.60 -21.25
CA VAL A 13 3.55 -11.35 -22.21
C VAL A 13 3.71 -12.38 -23.31
N SER A 14 4.92 -12.53 -23.84
CA SER A 14 5.21 -13.54 -24.86
C SER A 14 6.62 -14.09 -24.70
N THR A 15 6.77 -15.38 -24.99
CA THR A 15 8.04 -16.09 -24.77
C THR A 15 8.71 -16.46 -26.09
N VAL A 16 8.10 -16.03 -27.19
CA VAL A 16 8.63 -16.21 -28.53
C VAL A 16 9.92 -15.41 -28.73
N GLY A 17 10.97 -16.07 -29.17
CA GLY A 17 12.27 -15.45 -29.43
C GLY A 17 12.31 -14.54 -30.65
N ALA A 18 13.49 -14.03 -30.98
CA ALA A 18 13.65 -13.06 -32.07
C ALA A 18 13.70 -13.70 -33.47
N THR A 19 13.11 -13.04 -34.47
CA THR A 19 13.27 -13.45 -35.88
C THR A 19 14.49 -12.75 -36.48
N ALA A 20 14.91 -13.23 -37.65
CA ALA A 20 16.06 -12.65 -38.35
C ALA A 20 15.86 -11.15 -38.65
N ALA A 21 14.67 -10.80 -39.15
CA ALA A 21 14.37 -9.40 -39.48
C ALA A 21 14.51 -8.52 -38.25
N GLU A 22 14.08 -9.06 -37.10
CA GLU A 22 14.22 -8.40 -35.81
C GLU A 22 15.68 -8.21 -35.38
N ASN A 23 16.48 -9.28 -35.49
CA ASN A 23 17.91 -9.17 -35.19
C ASN A 23 18.68 -8.17 -36.05
N LYS A 24 18.40 -8.14 -37.36
CA LYS A 24 19.01 -7.13 -38.23
C LYS A 24 18.78 -5.71 -37.67
N LEU A 25 17.52 -5.43 -37.34
CA LEU A 25 17.15 -4.15 -36.76
C LEU A 25 17.77 -3.94 -35.37
N ASN A 26 18.11 -5.04 -34.70
CA ASN A 26 18.86 -4.94 -33.46
C ASN A 26 20.32 -4.61 -33.77
N ASP A 27 20.86 -5.23 -34.81
CA ASP A 27 22.24 -4.97 -35.23
C ASP A 27 22.43 -3.50 -35.61
N SER A 28 21.45 -2.92 -36.28
CA SER A 28 21.56 -1.53 -36.67
C SER A 28 21.39 -0.60 -35.47
N LEU A 29 20.65 -1.04 -34.46
CA LEU A 29 20.52 -0.27 -33.23
C LEU A 29 21.87 -0.15 -32.50
N ILE A 30 22.52 -1.29 -32.25
CA ILE A 30 23.83 -1.31 -31.59
C ILE A 30 24.76 -0.44 -32.42
N GLN A 31 24.67 -0.58 -33.74
CA GLN A 31 25.50 0.23 -34.64
C GLN A 31 25.21 1.74 -34.53
N GLU A 32 23.93 2.09 -34.42
CA GLU A 32 23.57 3.49 -34.20
C GLU A 32 24.10 3.98 -32.85
N LEU A 33 23.95 3.11 -31.84
CA LEU A 33 24.49 3.36 -30.50
C LEU A 33 26.00 3.59 -30.52
N LYS A 34 26.71 2.80 -31.32
CA LYS A 34 28.14 2.95 -31.52
C LYS A 34 28.46 4.31 -32.16
N LYS A 35 27.85 4.60 -33.30
CA LYS A 35 28.00 5.90 -33.99
C LYS A 35 27.74 7.07 -33.02
N GLU A 36 26.76 6.89 -32.15
CA GLU A 36 26.39 7.93 -31.20
C GLU A 36 27.31 8.01 -29.98
N GLY A 37 28.26 7.06 -29.88
CA GLY A 37 29.27 7.05 -28.82
C GLY A 37 28.75 6.62 -27.47
N SER A 38 27.81 5.68 -27.47
CA SER A 38 27.33 5.09 -26.25
C SER A 38 28.47 4.36 -25.53
N PHE A 39 29.25 3.59 -26.30
CA PHE A 39 30.24 2.67 -25.77
C PHE A 39 31.63 3.28 -25.68
N GLU A 40 32.31 3.03 -24.58
CA GLU A 40 33.76 3.23 -24.53
C GLU A 40 34.48 2.03 -25.14
N THR A 41 35.72 2.22 -25.60
CA THR A 41 36.53 1.10 -26.10
C THR A 41 36.81 0.07 -25.00
N GLU A 42 37.26 -1.12 -25.40
CA GLU A 42 37.69 -2.14 -24.45
C GLU A 42 38.81 -1.63 -23.54
N GLN A 43 39.63 -0.74 -24.09
CA GLN A 43 40.77 -0.18 -23.38
C GLN A 43 40.36 0.64 -22.18
N GLU A 44 39.50 1.63 -22.39
CA GLU A 44 39.04 2.47 -21.28
C GLU A 44 38.18 1.71 -20.24
N THR A 45 37.56 0.62 -20.66
CA THR A 45 36.94 -0.30 -19.71
C THR A 45 38.00 -1.01 -18.88
N ALA A 46 39.07 -1.45 -19.54
CA ALA A 46 40.18 -2.12 -18.85
C ALA A 46 40.77 -1.22 -17.76
N ASN A 47 40.88 0.08 -18.05
CA ASN A 47 41.42 1.05 -17.11
C ASN A 47 40.52 1.14 -15.90
N ARG A 48 39.21 1.14 -16.16
CA ARG A 48 38.20 1.25 -15.12
C ARG A 48 38.34 0.11 -14.13
N VAL A 49 38.50 -1.10 -14.66
CA VAL A 49 38.64 -2.31 -13.86
C VAL A 49 39.85 -2.15 -12.96
N GLN A 50 40.97 -1.72 -13.55
CA GLN A 50 42.22 -1.57 -12.83
C GLN A 50 42.14 -0.57 -11.70
N VAL A 51 41.49 0.57 -11.95
CA VAL A 51 41.22 1.56 -10.90
C VAL A 51 40.48 0.98 -9.67
N LEU A 52 39.41 0.24 -9.92
CA LEU A 52 38.67 -0.39 -8.81
C LEU A 52 39.53 -1.36 -8.02
N LYS A 53 40.33 -2.17 -8.73
CA LYS A 53 41.35 -3.02 -8.10
C LYS A 53 42.18 -2.27 -7.08
N ILE A 54 42.76 -1.15 -7.50
CA ILE A 54 43.58 -0.34 -6.62
C ILE A 54 42.76 0.16 -5.43
N LEU A 55 41.52 0.57 -5.69
CA LEU A 55 40.62 1.02 -4.65
C LEU A 55 40.23 -0.11 -3.72
N GLN A 56 40.06 -1.30 -4.27
CA GLN A 56 39.76 -2.46 -3.45
C GLN A 56 40.93 -2.69 -2.50
N GLU A 57 42.16 -2.55 -3.02
CA GLU A 57 43.37 -2.71 -2.21
C GLU A 57 43.39 -1.68 -1.11
N LEU A 58 43.02 -0.47 -1.46
CA LEU A 58 43.07 0.64 -0.52
C LEU A 58 41.99 0.57 0.54
N ALA A 59 40.82 0.06 0.17
CA ALA A 59 39.72 -0.17 1.13
C ALA A 59 40.13 -1.18 2.19
N GLN A 60 40.77 -2.27 1.76
CA GLN A 60 41.30 -3.28 2.67
C GLN A 60 42.37 -2.70 3.57
N ARG A 61 43.19 -1.79 3.04
CA ARG A 61 44.27 -1.19 3.81
C ARG A 61 43.73 -0.23 4.88
N PHE A 62 42.91 0.69 4.42
CA PHE A 62 42.09 1.56 5.25
C PHE A 62 41.59 0.80 6.50
N VAL A 63 40.90 -0.31 6.29
CA VAL A 63 40.28 -1.05 7.39
C VAL A 63 41.35 -1.69 8.26
N TYR A 64 42.37 -2.23 7.61
CA TYR A 64 43.49 -2.82 8.30
C TYR A 64 44.07 -1.83 9.31
N GLU A 65 44.37 -0.62 8.84
CA GLU A 65 45.02 0.42 9.64
CA GLU A 65 45.05 0.38 9.66
C GLU A 65 44.19 0.84 10.84
N VAL A 66 42.88 0.96 10.62
CA VAL A 66 41.98 1.36 11.70
C VAL A 66 41.88 0.25 12.74
N SER A 67 41.84 -1.00 12.26
CA SER A 67 41.82 -2.17 13.12
C SER A 67 43.11 -2.34 13.93
N LYS A 68 44.24 -1.90 13.37
CA LYS A 68 45.48 -1.87 14.15
C LYS A 68 45.43 -0.81 15.25
N LYS A 69 44.89 0.36 14.91
CA LYS A 69 44.66 1.42 15.90
C LYS A 69 43.76 0.98 17.05
N LYS A 70 42.79 0.10 16.80
CA LYS A 70 41.96 -0.38 17.90
C LYS A 70 42.62 -1.59 18.61
N ASN A 71 43.89 -1.84 18.25
CA ASN A 71 44.71 -2.88 18.87
C ASN A 71 44.28 -4.33 18.66
N MET A 72 43.84 -4.62 17.44
CA MET A 72 43.66 -6.00 17.00
C MET A 72 45.01 -6.56 16.55
N SER A 73 45.11 -7.88 16.43
CA SER A 73 46.29 -8.51 15.87
C SER A 73 46.32 -8.31 14.35
N ASP A 74 47.45 -8.69 13.74
CA ASP A 74 47.60 -8.71 12.28
C ASP A 74 46.49 -9.51 11.62
N GLY A 75 46.29 -10.73 12.11
CA GLY A 75 45.27 -11.64 11.58
C GLY A 75 43.88 -11.05 11.66
N MET A 76 43.51 -10.57 12.85
CA MET A 76 42.20 -9.94 12.99
C MET A 76 42.01 -8.69 12.14
N ALA A 77 43.09 -7.93 11.95
CA ALA A 77 43.01 -6.72 11.13
C ALA A 77 42.77 -7.11 9.68
N ARG A 78 43.51 -8.10 9.17
CA ARG A 78 43.29 -8.58 7.81
C ARG A 78 41.87 -9.11 7.67
N ASP A 79 41.49 -9.98 8.60
CA ASP A 79 40.19 -10.62 8.56
C ASP A 79 39.02 -9.63 8.64
N ALA A 80 39.27 -8.48 9.26
CA ALA A 80 38.27 -7.42 9.28
C ALA A 80 37.89 -6.93 7.86
N GLY A 81 38.77 -7.17 6.89
CA GLY A 81 38.46 -7.00 5.48
C GLY A 81 38.22 -5.59 4.96
N GLY A 82 37.03 -5.37 4.40
CA GLY A 82 36.71 -4.08 3.78
C GLY A 82 36.51 -4.29 2.30
N LYS A 83 35.43 -3.73 1.74
CA LYS A 83 35.05 -4.09 0.38
C LYS A 83 34.38 -3.00 -0.46
N ILE A 84 34.81 -2.92 -1.71
CA ILE A 84 34.35 -1.95 -2.68
C ILE A 84 33.23 -2.54 -3.53
N PHE A 85 32.14 -1.81 -3.69
CA PHE A 85 31.06 -2.19 -4.60
C PHE A 85 30.82 -1.05 -5.55
N THR A 86 30.47 -1.35 -6.81
CA THR A 86 29.93 -0.29 -7.67
C THR A 86 28.40 -0.39 -7.78
N TYR A 87 27.79 0.70 -8.23
CA TYR A 87 26.35 0.79 -8.45
C TYR A 87 26.08 1.85 -9.54
N GLY A 88 24.80 2.07 -9.84
CA GLY A 88 24.39 2.99 -10.93
C GLY A 88 24.86 2.51 -12.31
N SER A 89 25.02 3.44 -13.23
CA SER A 89 25.36 3.13 -14.62
C SER A 89 26.46 2.08 -14.79
N TYR A 90 27.62 2.29 -14.17
CA TYR A 90 28.75 1.39 -14.41
C TYR A 90 28.43 -0.05 -14.03
N ARG A 91 27.92 -0.23 -12.81
CA ARG A 91 27.54 -1.54 -12.34
C ARG A 91 26.57 -2.21 -13.30
N LEU A 92 25.68 -1.42 -13.90
CA LEU A 92 24.71 -1.98 -14.83
C LEU A 92 25.29 -2.37 -16.21
N GLY A 93 26.41 -1.78 -16.59
CA GLY A 93 27.00 -2.02 -17.93
C GLY A 93 26.47 -1.07 -18.99
N VAL A 94 26.07 0.14 -18.56
CA VAL A 94 25.43 1.11 -19.44
C VAL A 94 26.18 2.43 -19.46
N HIS A 95 27.28 2.49 -18.71
CA HIS A 95 28.13 3.67 -18.66
C HIS A 95 28.74 4.00 -20.01
N GLY A 96 29.17 5.24 -20.15
CA GLY A 96 29.75 5.75 -21.38
C GLY A 96 31.14 6.27 -21.16
N PRO A 97 31.72 6.87 -22.21
CA PRO A 97 33.12 7.28 -22.20
C PRO A 97 33.46 8.19 -21.02
N GLY A 98 32.62 9.17 -20.73
CA GLY A 98 32.92 10.13 -19.69
C GLY A 98 32.38 9.77 -18.32
N SER A 99 31.64 8.67 -18.25
CA SER A 99 30.85 8.30 -17.06
C SER A 99 31.64 8.12 -15.74
N ASP A 100 31.06 8.64 -14.66
CA ASP A 100 31.56 8.47 -13.29
C ASP A 100 31.28 7.04 -12.86
N ILE A 101 32.09 6.52 -11.95
CA ILE A 101 31.77 5.26 -11.32
C ILE A 101 31.22 5.58 -9.94
N ASP A 102 29.97 5.22 -9.69
CA ASP A 102 29.42 5.34 -8.35
C ASP A 102 29.90 4.14 -7.49
N THR A 103 30.59 4.44 -6.39
CA THR A 103 31.29 3.43 -5.61
C THR A 103 30.97 3.50 -4.10
N LEU A 104 30.93 2.35 -3.47
CA LEU A 104 30.60 2.24 -2.05
C LEU A 104 31.66 1.41 -1.34
N VAL A 105 32.23 1.98 -0.27
CA VAL A 105 33.19 1.27 0.58
C VAL A 105 32.44 0.74 1.78
N VAL A 106 32.53 -0.56 2.02
CA VAL A 106 31.81 -1.16 3.13
C VAL A 106 32.80 -1.53 4.23
N VAL A 107 32.52 -1.06 5.46
CA VAL A 107 33.47 -1.27 6.58
C VAL A 107 32.81 -1.90 7.80
N PRO A 108 33.57 -2.65 8.59
CA PRO A 108 33.04 -3.25 9.81
C PRO A 108 32.74 -2.21 10.90
N LYS A 109 32.14 -2.68 11.99
CA LYS A 109 31.55 -1.84 13.01
C LYS A 109 32.48 -0.78 13.57
N HIS A 110 33.75 -1.14 13.73
CA HIS A 110 34.75 -0.34 14.43
C HIS A 110 35.46 0.71 13.56
N VAL A 111 34.98 0.87 12.32
CA VAL A 111 35.51 1.87 11.40
C VAL A 111 34.44 2.96 11.24
N THR A 112 34.73 4.18 11.70
CA THR A 112 33.77 5.30 11.58
C THR A 112 33.93 6.00 10.24
N ARG A 113 33.09 7.00 9.99
CA ARG A 113 33.25 7.80 8.79
C ARG A 113 34.25 8.93 9.01
N GLU A 114 34.49 9.27 10.28
CA GLU A 114 35.57 10.16 10.66
C GLU A 114 36.89 9.50 10.28
N ASP A 115 36.91 8.16 10.36
CA ASP A 115 38.07 7.40 9.91
C ASP A 115 38.17 7.48 8.38
N PHE A 116 37.03 7.36 7.71
CA PHE A 116 36.93 7.43 6.25
C PHE A 116 37.42 8.78 5.70
N PHE A 117 37.14 9.87 6.41
CA PHE A 117 37.54 11.20 5.94
C PHE A 117 38.94 11.62 6.36
N THR A 118 39.60 10.78 7.15
CA THR A 118 40.98 11.01 7.54
C THR A 118 41.93 9.95 6.99
N VAL A 119 41.71 8.69 7.38
CA VAL A 119 42.59 7.58 7.02
C VAL A 119 42.47 7.22 5.54
N PHE A 120 41.24 6.96 5.10
CA PHE A 120 41.01 6.59 3.71
C PHE A 120 41.42 7.73 2.79
N ASP A 121 41.11 8.95 3.21
CA ASP A 121 41.47 10.14 2.47
C ASP A 121 42.99 10.23 2.24
N SER A 122 43.77 10.08 3.31
CA SER A 122 45.21 10.20 3.21
C SER A 122 45.85 9.03 2.45
N LEU A 123 45.15 7.90 2.37
CA LEU A 123 45.63 6.78 1.57
C LEU A 123 45.44 7.07 0.09
N LEU A 124 44.32 7.71 -0.24
CA LEU A 124 44.08 8.16 -1.60
C LEU A 124 45.12 9.20 -2.05
N ARG A 125 45.48 10.13 -1.15
CA ARG A 125 46.43 11.19 -1.48
C ARG A 125 47.84 10.68 -1.75
N GLU A 126 48.12 9.48 -1.26
CA GLU A 126 49.42 8.86 -1.43
C GLU A 126 49.66 8.38 -2.86
N ARG A 127 48.61 8.31 -3.65
CA ARG A 127 48.70 7.67 -4.95
C ARG A 127 49.05 8.62 -6.07
N LYS A 128 49.99 8.21 -6.93
CA LYS A 128 50.35 8.97 -8.13
C LYS A 128 49.16 9.17 -9.07
N GLU A 129 48.28 8.17 -9.14
CA GLU A 129 47.11 8.14 -10.01
C GLU A 129 46.05 9.19 -9.61
N LEU A 130 46.23 9.78 -8.43
CA LEU A 130 45.28 10.75 -7.89
C LEU A 130 45.61 12.14 -8.41
N ASP A 131 44.69 12.73 -9.16
CA ASP A 131 44.89 14.10 -9.65
C ASP A 131 43.93 15.14 -9.08
N GLU A 132 42.72 14.72 -8.69
CA GLU A 132 41.84 15.62 -7.93
C GLU A 132 41.05 14.89 -6.86
N ILE A 133 40.82 15.58 -5.76
CA ILE A 133 40.06 15.05 -4.63
C ILE A 133 39.25 16.16 -3.97
N ALA A 134 37.96 15.90 -3.82
CA ALA A 134 37.04 16.84 -3.18
C ALA A 134 36.23 16.09 -2.12
N PRO A 135 36.68 16.12 -0.86
CA PRO A 135 35.91 15.54 0.24
C PRO A 135 34.75 16.45 0.65
N VAL A 136 33.56 15.88 0.78
CA VAL A 136 32.43 16.66 1.31
C VAL A 136 31.71 15.92 2.44
N PRO A 137 32.23 16.10 3.67
CA PRO A 137 31.80 15.33 4.83
C PRO A 137 30.34 15.59 5.20
N ASP A 138 29.94 16.85 5.18
CA ASP A 138 28.62 17.25 5.67
C ASP A 138 27.50 17.21 4.62
N ALA A 139 27.71 16.46 3.55
CA ALA A 139 26.68 16.28 2.53
C ALA A 139 25.61 15.32 3.04
N PHE A 140 24.46 15.36 2.38
CA PHE A 140 23.30 14.53 2.70
C PHE A 140 23.73 13.06 2.68
N VAL A 141 24.39 12.65 1.61
CA VAL A 141 25.25 11.47 1.70
C VAL A 141 26.69 11.97 1.74
N PRO A 142 27.40 11.70 2.83
CA PRO A 142 28.82 12.07 2.90
C PRO A 142 29.61 11.32 1.83
N ILE A 143 30.47 12.05 1.13
CA ILE A 143 31.07 11.55 -0.09
C ILE A 143 32.50 12.09 -0.28
N ILE A 144 33.30 11.35 -1.02
CA ILE A 144 34.58 11.83 -1.50
C ILE A 144 34.59 11.71 -3.03
N LYS A 145 34.64 12.85 -3.70
CA LYS A 145 34.73 12.84 -5.16
C LYS A 145 36.20 12.86 -5.53
N ILE A 146 36.62 11.92 -6.36
CA ILE A 146 38.00 11.91 -6.83
C ILE A 146 38.05 11.72 -8.33
N LYS A 147 39.16 12.14 -8.93
CA LYS A 147 39.54 11.71 -10.27
C LYS A 147 40.82 10.89 -10.14
N PHE A 148 40.77 9.67 -10.64
CA PHE A 148 41.85 8.69 -10.48
C PHE A 148 42.17 8.19 -11.88
N SER A 149 43.43 8.34 -12.32
CA SER A 149 43.81 7.99 -13.69
C SER A 149 42.83 8.53 -14.73
N GLY A 150 42.41 9.78 -14.55
CA GLY A 150 41.48 10.44 -15.48
C GLY A 150 40.04 9.99 -15.35
N ILE A 151 39.80 8.92 -14.59
CA ILE A 151 38.46 8.37 -14.38
C ILE A 151 37.82 8.95 -13.11
N SER A 152 36.59 9.47 -13.25
CA SER A 152 35.88 10.05 -12.09
C SER A 152 35.19 8.99 -11.21
N ILE A 153 35.53 8.98 -9.92
CA ILE A 153 34.94 8.05 -8.94
C ILE A 153 34.23 8.86 -7.87
N ASP A 154 33.01 8.45 -7.54
CA ASP A 154 32.29 8.98 -6.39
C ASP A 154 32.29 7.92 -5.31
N LEU A 155 32.93 8.22 -4.17
CA LEU A 155 33.07 7.24 -3.08
C LEU A 155 32.25 7.58 -1.83
N ILE A 156 31.34 6.66 -1.47
CA ILE A 156 30.57 6.74 -0.23
C ILE A 156 30.88 5.59 0.71
N CYS A 157 30.51 5.74 1.99
CA CYS A 157 30.89 4.79 3.03
C CYS A 157 29.71 4.25 3.84
N ALA A 158 29.68 2.93 4.02
CA ALA A 158 28.63 2.27 4.80
C ALA A 158 29.27 1.44 5.89
N ARG A 159 28.74 1.59 7.09
CA ARG A 159 29.34 0.97 8.25
C ARG A 159 28.33 -0.03 8.81
N LEU A 160 28.63 -1.32 8.62
CA LEU A 160 27.76 -2.41 9.07
C LEU A 160 27.92 -2.76 10.54
N ASP A 161 26.86 -3.33 11.11
CA ASP A 161 26.83 -3.81 12.48
C ASP A 161 27.47 -5.20 12.58
N GLN A 162 28.73 -5.29 12.19
CA GLN A 162 29.43 -6.57 12.00
C GLN A 162 30.91 -6.39 12.25
N PRO A 163 31.59 -7.41 12.79
CA PRO A 163 33.02 -7.31 13.04
C PRO A 163 33.90 -7.36 11.77
N GLN A 164 33.40 -8.00 10.71
CA GLN A 164 34.22 -8.24 9.53
C GLN A 164 33.45 -8.02 8.25
N VAL A 165 34.12 -7.52 7.22
CA VAL A 165 33.55 -7.44 5.89
C VAL A 165 34.44 -8.24 4.92
N PRO A 166 34.17 -9.52 4.73
CA PRO A 166 35.04 -10.36 3.90
C PRO A 166 34.88 -10.00 2.43
N LEU A 167 35.81 -10.41 1.60
CA LEU A 167 35.76 -10.18 0.16
C LEU A 167 34.53 -10.77 -0.50
N SER A 168 33.96 -11.78 0.12
CA SER A 168 32.88 -12.55 -0.49
C SER A 168 31.51 -11.94 -0.21
N LEU A 169 31.46 -10.78 0.46
CA LEU A 169 30.20 -10.22 0.94
C LEU A 169 29.33 -9.64 -0.17
N THR A 170 28.07 -10.05 -0.21
CA THR A 170 27.08 -9.43 -1.09
C THR A 170 26.05 -8.80 -0.20
N LEU A 171 25.45 -7.71 -0.67
CA LEU A 171 24.68 -6.84 0.19
C LEU A 171 23.18 -7.13 0.18
N SER A 172 22.81 -8.32 -0.27
CA SER A 172 21.41 -8.57 -0.60
C SER A 172 20.55 -8.98 0.57
N ASP A 173 21.17 -9.51 1.62
CA ASP A 173 20.42 -9.91 2.80
C ASP A 173 19.89 -8.71 3.63
N LYS A 174 18.59 -8.70 3.87
CA LYS A 174 17.93 -7.68 4.70
C LYS A 174 18.63 -7.39 6.04
N ASN A 175 19.15 -8.42 6.70
CA ASN A 175 19.77 -8.24 8.01
C ASN A 175 21.06 -7.47 8.01
N LEU A 176 21.59 -7.16 6.84
CA LEU A 176 22.75 -6.29 6.74
C LEU A 176 22.37 -4.88 7.12
N LEU A 177 21.08 -4.61 7.19
CA LEU A 177 20.57 -3.29 7.51
C LEU A 177 20.33 -3.06 9.01
N ARG A 178 20.41 -4.11 9.83
CA ARG A 178 20.19 -3.96 11.29
C ARG A 178 21.11 -2.90 11.93
N ASN A 179 20.56 -2.13 12.88
CA ASN A 179 21.30 -1.12 13.65
C ASN A 179 22.14 -0.16 12.86
N LEU A 180 21.57 0.39 11.81
CA LEU A 180 22.30 1.37 11.02
C LEU A 180 21.59 2.67 11.22
N ASP A 181 22.38 3.75 11.25
CA ASP A 181 21.80 5.09 11.26
C ASP A 181 21.43 5.49 9.84
N GLU A 182 20.58 6.49 9.73
CA GLU A 182 20.03 6.82 8.42
C GLU A 182 21.08 7.07 7.34
N LYS A 183 22.18 7.74 7.66
CA LYS A 183 23.22 7.93 6.64
C LYS A 183 23.76 6.61 6.08
N ASP A 184 24.10 5.67 6.96
CA ASP A 184 24.54 4.32 6.53
C ASP A 184 23.49 3.54 5.77
N LEU A 185 22.24 3.61 6.24
CA LEU A 185 21.08 3.01 5.59
C LEU A 185 21.01 3.46 4.14
N ARG A 186 21.13 4.77 3.96
CA ARG A 186 21.07 5.40 2.66
C ARG A 186 22.24 4.97 1.77
N ALA A 187 23.42 4.89 2.36
CA ALA A 187 24.60 4.54 1.62
C ALA A 187 24.53 3.15 0.99
N LEU A 188 23.85 2.22 1.66
CA LEU A 188 23.72 0.84 1.14
C LEU A 188 22.73 0.70 -0.01
N ASN A 189 21.76 1.61 -0.05
CA ASN A 189 20.59 1.44 -0.91
C ASN A 189 20.91 1.39 -2.40
N GLY A 190 21.81 2.26 -2.86
CA GLY A 190 22.11 2.38 -4.29
C GLY A 190 22.62 1.06 -4.85
N THR A 191 23.45 0.39 -4.05
CA THR A 191 24.06 -0.84 -4.49
C THR A 191 23.04 -1.97 -4.45
N ARG A 192 22.26 -2.05 -3.36
CA ARG A 192 21.29 -3.10 -3.24
C ARG A 192 20.24 -3.01 -4.35
N VAL A 193 19.81 -1.78 -4.67
CA VAL A 193 18.86 -1.54 -5.77
C VAL A 193 19.41 -1.99 -7.09
N THR A 194 20.58 -1.49 -7.50
CA THR A 194 21.11 -1.87 -8.81
C THR A 194 21.51 -3.34 -8.89
N ASP A 195 21.99 -3.93 -7.79
CA ASP A 195 22.19 -5.36 -7.75
C ASP A 195 20.91 -6.13 -8.04
N GLU A 196 19.79 -5.66 -7.47
CA GLU A 196 18.53 -6.38 -7.60
C GLU A 196 17.92 -6.29 -8.97
N ILE A 197 18.03 -5.11 -9.58
CA ILE A 197 17.57 -4.91 -10.95
C ILE A 197 18.25 -5.96 -11.80
N LEU A 198 19.56 -6.09 -11.65
CA LEU A 198 20.34 -7.10 -12.37
C LEU A 198 19.83 -8.52 -12.16
N GLU A 199 19.36 -8.82 -10.97
CA GLU A 199 18.87 -10.17 -10.70
C GLU A 199 17.40 -10.32 -11.06
N LEU A 200 16.76 -9.22 -11.47
CA LEU A 200 15.34 -9.26 -11.81
C LEU A 200 15.08 -9.19 -13.32
N VAL A 201 16.12 -9.44 -14.10
CA VAL A 201 16.05 -9.26 -15.52
C VAL A 201 16.41 -10.58 -16.21
N PRO A 202 15.66 -10.97 -17.23
CA PRO A 202 15.80 -12.30 -17.84
C PRO A 202 17.10 -12.48 -18.62
N LYS A 203 17.44 -11.52 -19.49
CA LYS A 203 18.67 -11.57 -20.26
C LYS A 203 19.39 -10.21 -20.15
N PRO A 204 20.39 -10.14 -19.28
CA PRO A 204 21.10 -8.89 -18.99
C PRO A 204 21.71 -8.12 -20.19
N ASN A 205 22.34 -8.81 -21.14
CA ASN A 205 22.88 -8.11 -22.30
C ASN A 205 21.79 -7.45 -23.14
N VAL A 206 20.63 -8.11 -23.24
CA VAL A 206 19.51 -7.55 -23.98
C VAL A 206 19.05 -6.29 -23.26
N PHE A 207 18.96 -6.38 -21.94
CA PHE A 207 18.58 -5.26 -21.07
C PHE A 207 19.57 -4.09 -21.18
N ARG A 208 20.87 -4.41 -21.15
CA ARG A 208 21.91 -3.39 -21.24
CA ARG A 208 21.92 -3.40 -21.25
C ARG A 208 21.75 -2.55 -22.51
N ILE A 209 21.56 -3.20 -23.66
CA ILE A 209 21.40 -2.49 -24.92
C ILE A 209 20.12 -1.66 -24.94
N ALA A 210 19.03 -2.24 -24.44
CA ALA A 210 17.76 -1.51 -24.40
C ALA A 210 17.92 -0.26 -23.55
N LEU A 211 18.62 -0.39 -22.42
CA LEU A 211 18.84 0.73 -21.52
C LEU A 211 19.73 1.80 -22.17
N ARG A 212 20.76 1.37 -22.90
CA ARG A 212 21.62 2.35 -23.58
C ARG A 212 20.78 3.19 -24.52
N ALA A 213 19.91 2.53 -25.27
CA ALA A 213 18.98 3.21 -26.15
C ALA A 213 18.07 4.18 -25.39
N ILE A 214 17.43 3.70 -24.32
CA ILE A 214 16.57 4.60 -23.55
C ILE A 214 17.31 5.81 -23.00
N LYS A 215 18.52 5.64 -22.47
CA LYS A 215 19.26 6.79 -21.89
C LYS A 215 19.57 7.88 -22.93
N LEU A 216 20.02 7.45 -24.10
CA LEU A 216 20.26 8.35 -25.21
C LEU A 216 18.99 9.13 -25.60
N TRP A 217 17.93 8.39 -25.89
CA TRP A 217 16.61 8.94 -26.17
C TRP A 217 16.17 9.94 -25.08
N ALA A 218 16.11 9.49 -23.83
CA ALA A 218 15.66 10.34 -22.73
C ALA A 218 16.41 11.68 -22.66
N GLN A 219 17.74 11.63 -22.75
CA GLN A 219 18.61 12.81 -22.83
C GLN A 219 18.21 13.69 -24.02
N ARG A 220 18.19 13.11 -25.21
CA ARG A 220 17.96 13.91 -26.40
C ARG A 220 16.56 14.50 -26.47
N ARG A 221 15.58 13.72 -26.04
CA ARG A 221 14.19 14.19 -25.96
C ARG A 221 13.90 15.07 -24.73
N ALA A 222 14.91 15.29 -23.89
CA ALA A 222 14.79 16.18 -22.71
C ALA A 222 13.74 15.68 -21.71
N VAL A 223 13.84 14.41 -21.36
CA VAL A 223 12.93 13.80 -20.39
C VAL A 223 13.80 12.98 -19.47
N TYR A 224 14.96 13.54 -19.16
CA TYR A 224 15.92 12.93 -18.28
C TYR A 224 16.45 14.04 -17.37
N ALA A 225 15.87 14.17 -16.19
CA ALA A 225 16.34 15.17 -15.21
C ALA A 225 15.48 15.12 -13.97
N ASN A 226 15.95 14.40 -12.96
CA ASN A 226 15.16 14.20 -11.76
C ASN A 226 14.78 15.51 -11.09
N ILE A 227 15.76 16.39 -10.92
CA ILE A 227 15.51 17.63 -10.24
C ILE A 227 14.36 18.41 -10.91
N PHE A 228 14.22 18.32 -12.25
CA PHE A 228 13.19 19.10 -12.93
C PHE A 228 11.91 18.30 -13.13
N GLY A 229 11.78 17.17 -12.47
CA GLY A 229 10.52 16.43 -12.53
C GLY A 229 10.41 15.40 -13.64
N PHE A 230 11.55 14.94 -14.14
CA PHE A 230 11.60 13.81 -15.06
C PHE A 230 12.30 12.62 -14.43
N PRO A 231 12.07 11.41 -14.96
CA PRO A 231 12.75 10.22 -14.47
C PRO A 231 14.27 10.34 -14.59
N GLY A 232 15.00 9.97 -13.55
CA GLY A 232 16.46 9.86 -13.60
C GLY A 232 16.88 8.47 -14.03
N GLY A 233 18.19 8.22 -13.98
CA GLY A 233 18.81 6.96 -14.40
C GLY A 233 18.22 5.70 -13.84
N VAL A 234 18.04 5.64 -12.54
CA VAL A 234 17.54 4.42 -11.89
C VAL A 234 16.11 4.15 -12.32
N ALA A 235 15.31 5.21 -12.43
CA ALA A 235 13.91 5.08 -12.87
C ALA A 235 13.85 4.48 -14.27
N TRP A 236 14.63 5.05 -15.18
CA TRP A 236 14.64 4.57 -16.55
C TRP A 236 15.08 3.12 -16.56
N ALA A 237 16.09 2.80 -15.74
CA ALA A 237 16.63 1.45 -15.70
C ALA A 237 15.55 0.47 -15.29
N MET A 238 14.77 0.85 -14.28
CA MET A 238 13.71 -0.02 -13.78
C MET A 238 12.55 -0.16 -14.77
N LEU A 239 12.19 0.94 -15.43
CA LEU A 239 11.19 0.90 -16.51
C LEU A 239 11.63 -0.04 -17.61
N VAL A 240 12.87 0.06 -18.04
CA VAL A 240 13.39 -0.85 -19.06
C VAL A 240 13.40 -2.30 -18.53
N ALA A 241 13.78 -2.46 -17.27
CA ALA A 241 13.77 -3.80 -16.68
C ALA A 241 12.37 -4.44 -16.71
N ARG A 242 11.35 -3.65 -16.40
CA ARG A 242 9.98 -4.16 -16.38
C ARG A 242 9.61 -4.78 -17.73
N ILE A 243 9.99 -4.10 -18.82
CA ILE A 243 9.61 -4.55 -20.17
C ILE A 243 10.40 -5.78 -20.57
N CYS A 244 11.63 -5.87 -20.08
CA CYS A 244 12.45 -7.04 -20.33
C CYS A 244 11.80 -8.31 -19.76
N GLN A 245 11.07 -8.16 -18.64
CA GLN A 245 10.44 -9.29 -17.98
C GLN A 245 9.26 -9.81 -18.76
N LEU A 246 8.51 -8.88 -19.34
CA LEU A 246 7.36 -9.24 -20.17
C LEU A 246 7.75 -9.95 -21.47
N TYR A 247 9.02 -9.82 -21.87
CA TYR A 247 9.52 -10.35 -23.14
C TYR A 247 10.90 -10.98 -22.98
N PRO A 248 10.97 -12.13 -22.30
CA PRO A 248 12.24 -12.65 -21.83
C PRO A 248 13.19 -13.01 -22.98
N ASN A 249 12.63 -13.46 -24.10
CA ASN A 249 13.41 -13.91 -25.26
C ASN A 249 13.51 -12.91 -26.41
N ALA A 250 12.88 -11.73 -26.24
CA ALA A 250 12.90 -10.71 -27.28
C ALA A 250 14.31 -10.13 -27.40
N CYS A 251 14.63 -9.58 -28.56
CA CYS A 251 15.87 -8.81 -28.70
C CYS A 251 15.58 -7.37 -28.31
N SER A 252 16.62 -6.57 -28.14
CA SER A 252 16.47 -5.21 -27.64
C SER A 252 15.60 -4.32 -28.54
N ALA A 253 15.75 -4.44 -29.86
CA ALA A 253 14.95 -3.65 -30.78
C ALA A 253 13.49 -3.85 -30.44
N VAL A 254 13.04 -5.12 -30.41
CA VAL A 254 11.66 -5.43 -30.03
C VAL A 254 11.31 -4.85 -28.65
N ILE A 255 12.22 -4.96 -27.70
CA ILE A 255 11.97 -4.48 -26.35
C ILE A 255 11.60 -3.01 -26.35
N LEU A 256 12.43 -2.19 -27.01
CA LEU A 256 12.14 -0.78 -27.19
C LEU A 256 10.75 -0.56 -27.76
N ASN A 257 10.40 -1.26 -28.84
CA ASN A 257 9.06 -1.14 -29.41
C ASN A 257 7.98 -1.35 -28.34
N ARG A 258 8.00 -2.52 -27.72
CA ARG A 258 6.99 -2.88 -26.72
CA ARG A 258 6.99 -2.86 -26.71
C ARG A 258 7.07 -1.95 -25.48
N PHE A 259 8.26 -1.39 -25.23
CA PHE A 259 8.46 -0.46 -24.10
C PHE A 259 7.68 0.83 -24.31
N PHE A 260 7.68 1.35 -25.54
CA PHE A 260 6.96 2.59 -25.77
C PHE A 260 5.46 2.34 -25.74
N ILE A 261 5.00 1.20 -26.24
CA ILE A 261 3.57 0.90 -26.31
C ILE A 261 3.00 0.69 -24.91
N ILE A 262 3.71 -0.10 -24.10
CA ILE A 262 3.19 -0.47 -22.80
C ILE A 262 3.25 0.68 -21.78
N LEU A 263 4.35 1.42 -21.75
CA LEU A 263 4.43 2.58 -20.86
C LEU A 263 3.49 3.70 -21.29
N SER A 264 3.06 3.73 -22.56
CA SER A 264 2.15 4.79 -23.01
C SER A 264 0.69 4.44 -22.77
N GLU A 265 0.40 3.13 -22.71
CA GLU A 265 -0.92 2.62 -22.36
C GLU A 265 -1.04 2.16 -20.88
N TRP A 266 0.04 2.33 -20.10
CA TRP A 266 0.01 1.98 -18.68
C TRP A 266 -1.09 2.75 -18.00
N ASN A 267 -1.80 2.10 -17.07
CA ASN A 267 -2.84 2.75 -16.28
C ASN A 267 -2.27 3.59 -15.14
N TRP A 268 -1.55 4.64 -15.51
CA TRP A 268 -0.95 5.52 -14.51
C TRP A 268 -1.89 6.17 -13.54
N PRO A 269 -1.86 5.75 -12.29
CA PRO A 269 -0.79 5.96 -11.34
C PRO A 269 -0.40 4.57 -10.79
N GLN A 270 -1.00 3.49 -11.31
CA GLN A 270 -0.61 2.15 -10.89
C GLN A 270 0.90 2.01 -11.08
N PRO A 271 1.60 1.54 -10.05
CA PRO A 271 3.06 1.52 -10.00
C PRO A 271 3.67 0.51 -10.94
N VAL A 272 4.87 0.78 -11.48
CA VAL A 272 5.66 -0.32 -12.04
C VAL A 272 6.64 -0.81 -10.98
N ILE A 273 6.59 -2.13 -10.76
CA ILE A 273 7.39 -2.78 -9.72
C ILE A 273 8.01 -3.98 -10.36
N LEU A 274 9.20 -4.34 -9.91
CA LEU A 274 9.96 -5.41 -10.51
C LEU A 274 9.74 -6.74 -9.80
N LYS A 275 9.14 -6.66 -8.61
CA LYS A 275 8.74 -7.81 -7.78
C LYS A 275 7.78 -7.33 -6.69
N PRO A 276 7.12 -8.24 -5.96
CA PRO A 276 6.18 -7.80 -4.92
C PRO A 276 6.91 -6.96 -3.86
N ILE A 277 6.31 -5.85 -3.44
CA ILE A 277 6.92 -4.99 -2.43
C ILE A 277 6.98 -5.74 -1.11
N GLU A 278 8.06 -5.61 -0.37
CA GLU A 278 8.19 -6.40 0.85
C GLU A 278 8.20 -5.60 2.15
N ASP A 279 7.91 -6.31 3.24
CA ASP A 279 8.07 -5.85 4.62
C ASP A 279 9.48 -6.13 5.09
N GLY A 280 9.73 -5.73 6.33
CA GLY A 280 10.96 -6.09 7.03
C GLY A 280 10.84 -5.68 8.47
N PRO A 281 11.87 -5.95 9.26
CA PRO A 281 11.82 -5.80 10.72
C PRO A 281 12.00 -4.35 11.19
N LEU A 282 12.36 -3.44 10.28
CA LEU A 282 12.85 -2.12 10.68
C LEU A 282 11.81 -1.03 10.71
N GLN A 283 12.03 0.00 11.52
CA GLN A 283 11.17 1.17 11.50
C GLN A 283 11.52 2.09 10.33
N VAL A 284 11.49 1.53 9.11
CA VAL A 284 11.75 2.34 7.91
C VAL A 284 10.56 2.37 7.00
N ARG A 285 10.29 3.54 6.47
CA ARG A 285 9.16 3.82 5.62
C ARG A 285 9.33 3.04 4.29
N VAL A 286 8.30 2.28 3.92
CA VAL A 286 8.23 1.59 2.63
C VAL A 286 7.17 2.32 1.80
N TRP A 287 7.37 2.39 0.48
CA TRP A 287 6.32 2.94 -0.39
C TRP A 287 5.00 2.22 -0.15
N ASN A 288 3.95 2.99 0.13
CA ASN A 288 2.66 2.42 0.49
C ASN A 288 1.56 3.47 0.38
N PRO A 289 0.93 3.55 -0.79
CA PRO A 289 -0.09 4.55 -1.05
C PRO A 289 -1.29 4.47 -0.13
N LYS A 290 -1.49 3.32 0.48
CA LYS A 290 -2.61 3.11 1.40
C LYS A 290 -2.40 3.83 2.73
N ILE A 291 -1.14 3.94 3.16
CA ILE A 291 -0.80 4.45 4.47
C ILE A 291 -0.39 5.92 4.38
N TYR A 292 0.25 6.28 3.26
CA TYR A 292 0.87 7.60 3.08
C TYR A 292 0.23 8.42 1.98
N ALA A 293 -0.25 9.61 2.35
CA ALA A 293 -0.84 10.53 1.37
C ALA A 293 0.16 10.96 0.27
N GLN A 294 1.43 11.13 0.66
N GLN A 294 1.43 11.10 0.62
CA GLN A 294 2.51 11.50 -0.26
CA GLN A 294 2.43 11.54 -0.35
C GLN A 294 2.60 10.46 -1.38
C GLN A 294 2.75 10.45 -1.40
N ASP A 295 2.62 9.18 -1.00
CA ASP A 295 2.76 8.06 -1.97
C ASP A 295 1.62 8.05 -2.99
N ARG A 296 0.41 8.19 -2.46
CA ARG A 296 -0.85 8.30 -3.19
C ARG A 296 -0.81 9.41 -4.26
N SER A 297 -0.05 10.47 -4.00
CA SER A 297 0.02 11.56 -4.95
C SER A 297 1.07 11.37 -6.03
N HIS A 298 1.90 10.33 -5.97
CA HIS A 298 2.79 10.02 -7.09
C HIS A 298 2.04 9.72 -8.40
N ARG A 299 2.47 10.27 -9.52
CA ARG A 299 1.67 10.22 -10.74
C ARG A 299 2.07 9.13 -11.69
N MET A 300 3.39 8.84 -11.75
CA MET A 300 3.92 7.71 -12.54
C MET A 300 4.91 6.95 -11.69
N PRO A 301 4.44 6.20 -10.70
CA PRO A 301 5.34 5.62 -9.71
C PRO A 301 6.13 4.50 -10.29
N VAL A 302 7.44 4.58 -10.07
CA VAL A 302 8.40 3.53 -10.43
C VAL A 302 9.18 3.16 -9.16
N ILE A 303 8.92 1.95 -8.66
CA ILE A 303 9.32 1.54 -7.32
C ILE A 303 10.62 0.73 -7.32
N THR A 304 11.58 1.10 -6.48
CA THR A 304 12.82 0.31 -6.37
C THR A 304 12.47 -0.99 -5.67
N PRO A 305 13.16 -2.08 -5.99
CA PRO A 305 12.82 -3.38 -5.43
C PRO A 305 13.52 -3.71 -4.11
N ALA A 306 14.71 -3.20 -3.88
CA ALA A 306 15.38 -3.50 -2.62
C ALA A 306 14.58 -2.94 -1.45
N TYR A 307 14.38 -3.76 -0.40
CA TYR A 307 13.85 -3.33 0.90
C TYR A 307 14.51 -1.98 1.30
N PRO A 308 13.87 -1.19 2.15
CA PRO A 308 12.82 -0.22 1.85
C PRO A 308 12.54 0.19 0.41
N SER A 309 11.55 -0.45 -0.21
CA SER A 309 11.02 0.02 -1.48
C SER A 309 10.63 1.48 -1.40
N MET A 310 11.12 2.25 -2.35
CA MET A 310 10.88 3.68 -2.45
C MET A 310 10.49 4.03 -3.88
N CYS A 311 9.84 5.18 -4.05
CA CYS A 311 9.44 5.66 -5.38
C CYS A 311 10.52 6.54 -5.94
N ALA A 312 11.03 6.14 -7.10
CA ALA A 312 12.14 6.84 -7.71
C ALA A 312 11.65 7.94 -8.65
N THR A 313 10.37 8.29 -8.60
CA THR A 313 9.88 9.38 -9.45
C THR A 313 8.94 10.28 -8.67
N HIS A 314 9.26 10.53 -7.39
CA HIS A 314 8.44 11.42 -6.56
CA HIS A 314 8.44 11.42 -6.56
C HIS A 314 8.17 12.75 -7.28
N ASN A 315 9.18 13.28 -7.97
CA ASN A 315 9.14 14.63 -8.56
C ASN A 315 8.26 14.92 -9.81
N ILE A 316 7.78 13.87 -10.50
CA ILE A 316 6.96 14.03 -11.69
C ILE A 316 5.65 14.79 -11.39
N THR A 317 5.33 15.75 -12.26
CA THR A 317 4.21 16.67 -12.06
C THR A 317 3.26 16.44 -13.20
N GLU A 318 2.05 17.02 -13.14
CA GLU A 318 1.04 16.75 -14.16
CA GLU A 318 1.01 16.82 -14.15
C GLU A 318 1.59 17.11 -15.52
N SER A 319 2.32 18.22 -15.59
CA SER A 319 2.91 18.70 -16.80
C SER A 319 4.04 17.81 -17.26
N THR A 320 4.93 17.35 -16.38
CA THR A 320 6.00 16.47 -16.89
C THR A 320 5.45 15.10 -17.33
N LYS A 321 4.40 14.61 -16.69
CA LYS A 321 3.81 13.37 -17.09
C LYS A 321 3.26 13.54 -18.52
N LYS A 322 2.81 14.76 -18.84
CA LYS A 322 2.26 15.01 -20.18
C LYS A 322 3.35 14.87 -21.24
N VAL A 323 4.51 15.44 -20.94
CA VAL A 323 5.65 15.37 -21.84
C VAL A 323 6.13 13.95 -22.01
N ILE A 324 6.34 13.26 -20.89
CA ILE A 324 6.81 11.87 -20.91
C ILE A 324 5.90 11.02 -21.80
N LEU A 325 4.59 11.11 -21.54
CA LEU A 325 3.58 10.46 -22.36
C LEU A 325 3.59 10.85 -23.84
N GLN A 326 3.81 12.13 -24.17
CA GLN A 326 3.93 12.52 -25.57
C GLN A 326 5.10 11.79 -26.13
N GLU A 327 6.21 11.83 -25.41
CA GLU A 327 7.42 11.19 -25.89
C GLU A 327 7.28 9.69 -26.07
N PHE A 328 6.50 9.01 -25.22
CA PHE A 328 6.28 7.59 -25.45
C PHE A 328 5.48 7.41 -26.73
N VAL A 329 4.46 8.25 -26.91
CA VAL A 329 3.60 8.15 -28.08
C VAL A 329 4.43 8.38 -29.35
N ARG A 330 5.38 9.31 -29.29
CA ARG A 330 6.36 9.51 -30.37
C ARG A 330 7.23 8.27 -30.57
N GLY A 331 7.62 7.63 -29.47
CA GLY A 331 8.41 6.41 -29.53
C GLY A 331 7.66 5.33 -30.29
N VAL A 332 6.35 5.25 -30.01
CA VAL A 332 5.48 4.23 -30.58
C VAL A 332 5.40 4.37 -32.10
N GLN A 333 5.35 5.62 -32.58
CA GLN A 333 5.20 5.89 -34.01
C GLN A 333 6.52 5.70 -34.75
N ILE A 334 7.61 6.18 -34.12
CA ILE A 334 8.93 6.01 -34.74
C ILE A 334 9.42 4.56 -34.77
N THR A 335 9.27 3.82 -33.68
CA THR A 335 9.75 2.43 -33.66
C THR A 335 8.96 1.53 -34.59
N ASN A 336 7.66 1.77 -34.72
CA ASN A 336 6.84 1.02 -35.66
C ASN A 336 7.29 1.29 -37.09
N ASP A 337 7.68 2.55 -37.32
CA ASP A 337 8.21 2.99 -38.62
C ASP A 337 9.58 2.37 -38.93
N ILE A 338 10.46 2.32 -37.94
CA ILE A 338 11.72 1.57 -38.04
C ILE A 338 11.44 0.11 -38.41
N PHE A 339 10.47 -0.49 -37.71
CA PHE A 339 10.05 -1.87 -37.97
C PHE A 339 9.31 -2.04 -39.30
N SER A 340 8.97 -0.92 -39.97
CA SER A 340 8.31 -0.95 -41.27
C SER A 340 9.24 -0.52 -42.38
N ASN A 341 10.52 -0.35 -42.06
CA ASN A 341 11.56 0.06 -43.02
C ASN A 341 11.36 1.50 -43.51
N LYS A 342 10.60 2.30 -42.75
CA LYS A 342 10.26 3.67 -43.14
C LYS A 342 11.05 4.76 -42.38
N LYS A 343 11.63 4.42 -41.23
CA LYS A 343 12.47 5.35 -40.46
C LYS A 343 13.70 4.65 -39.90
N SER A 344 14.73 5.42 -39.57
CA SER A 344 15.97 4.89 -39.01
C SER A 344 15.98 5.12 -37.50
N TRP A 345 16.95 4.51 -36.82
CA TRP A 345 17.12 4.71 -35.37
C TRP A 345 17.58 6.14 -35.09
N ALA A 346 18.38 6.68 -35.99
CA ALA A 346 18.79 8.09 -35.92
C ALA A 346 17.60 9.01 -35.65
N ASN A 347 16.46 8.72 -36.29
CA ASN A 347 15.20 9.46 -36.06
C ASN A 347 14.70 9.47 -34.61
N LEU A 348 14.74 8.32 -33.95
CA LEU A 348 14.31 8.18 -32.57
C LEU A 348 15.17 9.02 -31.63
N PHE A 349 16.44 9.16 -31.99
CA PHE A 349 17.37 9.86 -31.14
C PHE A 349 17.55 11.31 -31.58
N GLU A 350 16.61 11.82 -32.35
CA GLU A 350 16.69 13.19 -32.84
C GLU A 350 16.50 14.12 -31.68
N LYS A 351 17.38 15.12 -31.59
CA LYS A 351 17.29 16.14 -30.55
C LYS A 351 15.88 16.75 -30.46
N ASN A 352 15.41 16.96 -29.23
CA ASN A 352 14.17 17.70 -28.95
C ASN A 352 14.18 19.10 -29.58
N ASP A 353 13.01 19.73 -29.68
CA ASP A 353 12.93 21.08 -30.23
C ASP A 353 12.12 21.98 -29.30
N PHE A 354 12.50 21.91 -28.05
CA PHE A 354 11.84 22.58 -26.94
C PHE A 354 11.72 24.08 -27.18
N PHE A 355 12.78 24.70 -27.69
CA PHE A 355 12.81 26.15 -27.87
C PHE A 355 12.13 26.61 -29.17
N PHE A 356 11.54 25.66 -29.90
CA PHE A 356 10.74 26.01 -31.07
C PHE A 356 9.25 25.72 -30.89
N ARG A 357 8.93 24.92 -29.87
CA ARG A 357 7.60 24.34 -29.77
C ARG A 357 6.54 25.18 -29.03
N TYR A 358 6.95 26.19 -28.25
CA TYR A 358 6.00 27.06 -27.57
C TYR A 358 6.20 28.53 -28.00
N LYS A 359 5.15 29.34 -27.84
CA LYS A 359 5.19 30.76 -28.20
C LYS A 359 5.79 31.60 -27.11
N PHE A 360 5.72 31.09 -25.88
CA PHE A 360 6.13 31.87 -24.68
C PHE A 360 6.97 31.04 -23.76
N TYR A 361 7.88 31.71 -23.05
CA TYR A 361 8.74 31.02 -22.09
C TYR A 361 8.88 31.85 -20.84
N LEU A 362 9.01 31.19 -19.72
CA LEU A 362 9.35 31.86 -18.46
C LEU A 362 10.78 31.54 -18.06
N GLU A 363 11.70 32.49 -18.25
CA GLU A 363 13.05 32.38 -17.71
C GLU A 363 13.05 32.59 -16.20
N ILE A 364 13.86 31.79 -15.52
CA ILE A 364 14.17 31.94 -14.12
C ILE A 364 15.68 31.99 -14.02
N THR A 365 16.20 33.14 -13.61
CA THR A 365 17.66 33.38 -13.49
C THR A 365 18.26 33.58 -12.08
N ALA A 366 19.21 32.72 -11.75
CA ALA A 366 20.02 32.96 -10.56
C ALA A 366 21.28 33.72 -10.96
N TYR A 367 21.46 34.91 -10.38
CA TYR A 367 22.66 35.69 -10.59
C TYR A 367 23.53 35.70 -9.34
N THR A 368 24.86 35.58 -9.52
CA THR A 368 25.83 35.75 -8.42
C THR A 368 27.04 36.62 -8.80
N ARG A 369 27.32 37.63 -7.98
CA ARG A 369 28.56 38.37 -8.12
C ARG A 369 29.46 38.02 -6.94
N GLY A 370 30.31 37.02 -7.14
CA GLY A 370 31.14 36.45 -6.08
C GLY A 370 31.89 35.21 -6.55
N SER A 371 32.22 34.32 -5.61
CA SER A 371 32.93 33.08 -5.93
C SER A 371 31.97 32.16 -6.64
N ASP A 372 32.51 31.27 -7.46
CA ASP A 372 31.67 30.33 -8.15
C ASP A 372 31.12 29.30 -7.17
N GLU A 373 31.79 29.14 -6.03
CA GLU A 373 31.29 28.32 -4.94
C GLU A 373 30.00 28.90 -4.37
N GLN A 374 29.95 30.23 -4.24
CA GLN A 374 28.73 30.93 -3.84
C GLN A 374 27.62 30.74 -4.87
N HIS A 375 27.99 30.84 -6.14
CA HIS A 375 27.01 30.69 -7.21
C HIS A 375 26.43 29.27 -7.29
N LEU A 376 27.30 28.28 -7.20
CA LEU A 376 26.90 26.89 -7.15
C LEU A 376 25.80 26.67 -6.13
N LYS A 377 26.05 27.15 -4.92
CA LYS A 377 25.11 27.09 -3.81
C LYS A 377 23.80 27.80 -4.13
N TRP A 378 23.89 29.07 -4.53
CA TRP A 378 22.73 29.90 -4.77
C TRP A 378 21.87 29.34 -5.90
N SER A 379 22.48 29.01 -7.04
CA SER A 379 21.75 28.51 -8.20
C SER A 379 21.24 27.08 -7.98
N GLY A 380 22.00 26.29 -7.23
CA GLY A 380 21.57 24.97 -6.80
C GLY A 380 20.27 25.08 -6.03
N LEU A 381 20.16 26.09 -5.19
CA LEU A 381 18.94 26.33 -4.44
C LEU A 381 17.78 26.69 -5.38
N VAL A 382 17.99 27.72 -6.18
CA VAL A 382 17.00 28.17 -7.15
C VAL A 382 16.50 27.00 -8.05
N GLU A 383 17.43 26.25 -8.66
CA GLU A 383 17.12 25.09 -9.47
C GLU A 383 16.15 24.10 -8.83
N SER A 384 16.39 23.80 -7.56
CA SER A 384 15.64 22.77 -6.85
C SER A 384 14.18 23.16 -6.65
N LYS A 385 13.87 24.43 -6.90
CA LYS A 385 12.50 24.93 -6.69
C LYS A 385 11.75 25.07 -8.00
N VAL A 386 12.48 25.17 -9.10
CA VAL A 386 11.82 25.32 -10.40
C VAL A 386 10.59 24.41 -10.47
N ARG A 387 10.78 23.16 -10.08
CA ARG A 387 9.75 22.13 -10.01
C ARG A 387 8.50 22.62 -9.27
N LEU A 388 8.73 23.21 -8.10
CA LEU A 388 7.66 23.73 -7.28
C LEU A 388 6.92 24.85 -8.04
N LEU A 389 7.63 25.64 -8.82
CA LEU A 389 6.96 26.63 -9.65
C LEU A 389 6.08 25.96 -10.70
N VAL A 390 6.63 24.94 -11.36
CA VAL A 390 5.88 24.15 -12.35
C VAL A 390 4.56 23.73 -11.74
N MET A 391 4.60 23.29 -10.48
CA MET A 391 3.42 22.74 -9.83
C MET A 391 2.35 23.78 -9.53
N LYS A 392 2.75 24.99 -9.19
CA LYS A 392 1.78 26.02 -8.84
C LYS A 392 1.12 26.56 -10.10
N LEU A 393 1.93 26.72 -11.14
CA LEU A 393 1.48 27.16 -12.45
C LEU A 393 0.53 26.14 -13.10
N GLU A 394 0.88 24.86 -13.07
CA GLU A 394 0.13 23.84 -13.82
C GLU A 394 -1.31 23.66 -13.37
N VAL A 395 -1.60 24.05 -12.12
CA VAL A 395 -2.94 23.89 -11.53
C VAL A 395 -3.89 25.00 -11.98
N LEU A 396 -3.31 26.11 -12.43
CA LEU A 396 -4.08 27.27 -12.89
C LEU A 396 -4.94 27.00 -14.13
N ALA A 397 -6.12 27.62 -14.11
CA ALA A 397 -7.16 27.40 -15.11
C ALA A 397 -6.71 27.67 -16.55
N GLY A 398 -5.94 28.74 -16.73
CA GLY A 398 -5.54 29.18 -18.06
C GLY A 398 -4.27 28.53 -18.59
N ILE A 399 -3.50 27.92 -17.69
CA ILE A 399 -2.26 27.25 -18.07
C ILE A 399 -2.52 25.82 -18.58
N LYS A 400 -2.27 25.59 -19.88
CA LYS A 400 -2.41 24.26 -20.47
C LYS A 400 -1.28 23.31 -20.09
N ILE A 401 -0.06 23.85 -20.08
CA ILE A 401 1.13 23.12 -19.63
C ILE A 401 2.21 24.09 -19.18
N ALA A 402 3.00 23.66 -18.22
CA ALA A 402 4.24 24.31 -17.85
C ALA A 402 5.36 23.27 -17.98
N HIS A 403 6.15 23.42 -19.03
CA HIS A 403 7.20 22.47 -19.39
C HIS A 403 8.58 23.01 -18.97
N PRO A 404 9.17 22.47 -17.89
CA PRO A 404 10.56 22.80 -17.57
C PRO A 404 11.48 22.08 -18.52
N PHE A 405 12.43 22.80 -19.10
CA PHE A 405 13.56 22.19 -19.78
C PHE A 405 14.46 21.52 -18.73
N THR A 406 15.39 20.68 -19.15
CA THR A 406 16.04 19.75 -18.22
C THR A 406 17.46 20.16 -17.90
N LYS A 407 17.84 21.34 -18.35
CA LYS A 407 19.21 21.79 -18.20
C LYS A 407 19.28 23.30 -17.98
N PRO A 408 20.09 23.74 -17.03
CA PRO A 408 20.32 25.16 -16.81
C PRO A 408 21.24 25.72 -17.89
N PHE A 409 21.09 27.00 -18.20
CA PHE A 409 21.99 27.68 -19.13
C PHE A 409 22.96 28.58 -18.38
N GLU A 410 24.22 28.15 -18.35
CA GLU A 410 25.27 28.82 -17.57
C GLU A 410 26.01 29.86 -18.39
N SER A 411 26.21 31.03 -17.82
CA SER A 411 27.22 31.95 -18.33
C SER A 411 27.84 32.80 -17.22
N SER A 412 28.95 33.46 -17.54
CA SER A 412 29.66 34.33 -16.60
C SER A 412 30.41 35.45 -17.32
N TYR A 413 30.45 36.62 -16.70
CA TYR A 413 31.15 37.78 -17.26
C TYR A 413 32.12 38.38 -16.25
N CYS A 414 33.14 39.07 -16.76
CA CYS A 414 33.93 39.92 -15.89
C CYS A 414 33.05 41.07 -15.46
N CYS A 415 32.99 41.29 -14.16
CA CYS A 415 32.08 42.29 -13.62
C CYS A 415 32.83 43.25 -12.70
N PRO A 416 33.71 44.09 -13.27
CA PRO A 416 34.47 45.06 -12.50
C PRO A 416 33.67 45.84 -11.44
N THR A 417 32.46 46.32 -11.75
CA THR A 417 31.69 47.20 -10.85
C THR A 417 30.27 46.74 -10.52
N GLU A 418 29.70 47.39 -9.50
CA GLU A 418 28.26 47.28 -9.19
C GLU A 418 27.40 47.62 -10.41
N ASP A 419 27.79 48.68 -11.14
CA ASP A 419 27.06 49.17 -12.32
C ASP A 419 27.00 48.15 -13.46
N ASP A 420 28.12 47.48 -13.71
CA ASP A 420 28.13 46.37 -14.66
C ASP A 420 27.12 45.31 -14.25
N TYR A 421 27.01 45.09 -12.93
CA TYR A 421 26.11 44.07 -12.39
C TYR A 421 24.64 44.45 -12.53
N GLU A 422 24.31 45.72 -12.38
CA GLU A 422 22.94 46.19 -12.64
C GLU A 422 22.57 45.90 -14.09
N MET A 423 23.55 46.11 -14.96
CA MET A 423 23.34 46.07 -16.38
C MET A 423 23.15 44.64 -16.83
N ILE A 424 23.99 43.74 -16.32
CA ILE A 424 23.84 42.33 -16.65
C ILE A 424 22.43 41.92 -16.32
N GLN A 425 21.99 42.23 -15.09
CA GLN A 425 20.61 41.99 -14.67
C GLN A 425 19.60 42.65 -15.58
N ASP A 426 19.90 43.86 -16.03
CA ASP A 426 18.93 44.60 -16.83
C ASP A 426 18.77 44.03 -18.24
N LYS A 427 19.90 43.87 -18.95
CA LYS A 427 19.89 43.57 -20.37
C LYS A 427 19.80 42.08 -20.71
N TYR A 428 20.23 41.23 -19.78
CA TYR A 428 20.19 39.78 -20.03
C TYR A 428 18.76 39.25 -20.25
N GLY A 429 18.65 38.16 -21.00
CA GLY A 429 17.41 37.37 -21.06
C GLY A 429 16.47 37.72 -22.19
N SER A 430 16.71 38.84 -22.83
CA SER A 430 15.94 39.22 -24.01
C SER A 430 16.91 39.40 -25.17
N HIS A 431 16.55 38.89 -26.33
CA HIS A 431 17.44 39.06 -27.48
C HIS A 431 17.51 40.52 -27.94
N LYS A 432 16.46 41.29 -27.66
CA LYS A 432 16.42 42.73 -27.94
CA LYS A 432 16.44 42.72 -27.97
C LYS A 432 17.62 43.43 -27.31
N THR A 433 17.93 43.07 -26.07
CA THR A 433 18.92 43.78 -25.26
C THR A 433 20.18 42.98 -24.98
N GLU A 434 20.18 41.72 -25.39
CA GLU A 434 21.28 40.78 -25.11
C GLU A 434 22.68 41.23 -25.56
N THR A 435 22.74 41.89 -26.71
CA THR A 435 24.02 42.31 -27.30
C THR A 435 24.76 43.36 -26.46
N ALA A 436 24.04 44.04 -25.59
CA ALA A 436 24.64 45.00 -24.65
C ALA A 436 25.76 44.43 -23.79
N LEU A 437 25.71 43.14 -23.46
CA LEU A 437 26.76 42.56 -22.62
C LEU A 437 27.94 41.89 -23.32
N ASN A 438 28.15 42.25 -24.59
CA ASN A 438 29.41 41.96 -25.31
C ASN A 438 30.47 42.95 -24.86
N ALA A 439 30.00 44.13 -24.44
CA ALA A 439 30.83 45.15 -23.81
C ALA A 439 31.63 44.59 -22.62
N LEU A 440 31.02 43.68 -21.89
CA LEU A 440 31.69 42.96 -20.81
C LEU A 440 32.25 41.64 -21.31
N LYS A 441 33.55 41.42 -21.09
CA LYS A 441 34.23 40.18 -21.50
C LYS A 441 33.48 38.91 -21.05
N LEU A 442 33.08 38.12 -22.04
CA LEU A 442 32.36 36.87 -21.83
C LEU A 442 33.39 35.78 -21.51
N VAL A 443 33.37 35.30 -20.27
CA VAL A 443 34.29 34.25 -19.82
C VAL A 443 33.99 32.95 -20.58
N THR A 444 35.03 32.39 -21.21
CA THR A 444 34.87 31.22 -22.08
C THR A 444 35.52 29.96 -21.55
N ASP A 445 34.80 28.84 -21.67
CA ASP A 445 35.32 27.51 -21.37
C ASP A 445 36.67 27.27 -22.04
N GLU A 446 36.89 27.93 -23.19
CA GLU A 446 38.16 27.84 -23.93
C GLU A 446 39.11 29.02 -23.66
N ASN A 447 38.63 30.08 -23.01
CA ASN A 447 39.47 31.25 -22.68
C ASN A 447 39.49 31.56 -21.17
N LYS A 448 40.48 31.03 -20.47
CA LYS A 448 40.66 31.28 -19.04
C LYS A 448 42.12 31.53 -18.62
N GLU A 449 42.81 32.35 -19.41
CA GLU A 449 44.15 32.84 -19.07
C GLU A 449 44.14 33.35 -17.62
N GLU A 450 44.83 32.63 -16.75
CA GLU A 450 44.77 32.83 -15.29
C GLU A 450 45.29 34.19 -14.80
N GLU A 451 46.27 34.77 -15.50
CA GLU A 451 46.82 36.08 -15.15
C GLU A 451 46.06 37.26 -15.79
N SER A 452 44.78 37.04 -16.11
CA SER A 452 43.93 38.04 -16.78
C SER A 452 42.43 37.81 -16.50
N ILE A 453 41.88 36.73 -17.08
CA ILE A 453 40.47 36.37 -16.92
C ILE A 453 40.18 35.76 -15.53
N LYS A 454 40.90 34.69 -15.19
CA LYS A 454 40.73 34.01 -13.90
C LYS A 454 41.39 34.79 -12.76
N ASP A 455 40.77 35.92 -12.42
CA ASP A 455 41.32 36.88 -11.48
C ASP A 455 40.25 37.92 -11.17
N ALA A 456 39.75 38.58 -12.21
CA ALA A 456 38.74 39.63 -12.08
C ALA A 456 37.51 39.16 -11.30
N PRO A 457 36.91 40.05 -10.51
CA PRO A 457 35.57 39.81 -9.96
C PRO A 457 34.64 39.36 -11.09
N LYS A 458 33.91 38.26 -10.87
CA LYS A 458 33.06 37.69 -11.90
C LYS A 458 31.60 37.56 -11.47
N ALA A 459 30.70 37.72 -12.43
CA ALA A 459 29.27 37.51 -12.18
C ALA A 459 28.84 36.24 -12.88
N TYR A 460 28.10 35.40 -12.18
CA TYR A 460 27.62 34.14 -12.74
C TYR A 460 26.11 34.13 -12.92
N LEU A 461 25.65 33.57 -14.04
CA LEU A 461 24.21 33.40 -14.29
C LEU A 461 23.89 31.95 -14.50
N SER A 462 22.76 31.50 -13.96
CA SER A 462 22.21 30.22 -14.33
C SER A 462 20.76 30.46 -14.65
N THR A 463 20.30 29.93 -15.78
CA THR A 463 18.94 30.19 -16.21
C THR A 463 18.17 28.92 -16.54
N MET A 464 17.01 28.74 -15.90
CA MET A 464 16.06 27.70 -16.33
C MET A 464 14.88 28.24 -17.12
N TYR A 465 14.41 27.45 -18.07
CA TYR A 465 13.32 27.84 -18.96
C TYR A 465 12.09 26.95 -18.74
N ILE A 466 10.95 27.57 -18.48
CA ILE A 466 9.68 26.85 -18.54
C ILE A 466 8.90 27.31 -19.77
N GLY A 467 8.66 26.37 -20.67
CA GLY A 467 7.77 26.59 -21.79
C GLY A 467 6.32 26.60 -21.34
N LEU A 468 5.52 27.46 -21.96
CA LEU A 468 4.12 27.63 -21.58
C LEU A 468 3.19 27.59 -22.77
N ASP A 469 2.06 26.93 -22.55
CA ASP A 469 0.94 26.85 -23.48
C ASP A 469 -0.29 27.33 -22.69
N PHE A 470 -1.02 28.30 -23.24
CA PHE A 470 -2.21 28.83 -22.57
C PHE A 470 -3.53 28.34 -23.18
N ASN A 471 -4.63 28.44 -22.41
CA ASN A 471 -5.95 28.02 -22.89
C ASN A 471 -6.74 29.13 -23.60
N ILE A 472 -6.36 30.39 -23.34
CA ILE A 472 -6.92 31.56 -24.05
C ILE A 472 -8.44 31.63 -24.03
N ASN A 474 -11.13 30.40 -26.53
CA ASN A 474 -12.13 31.34 -27.06
C ASN A 474 -12.53 32.40 -26.02
N LYS A 475 -11.62 32.70 -25.10
CA LYS A 475 -11.86 33.60 -23.96
C LYS A 475 -10.93 34.83 -23.97
N LYS A 476 -11.45 36.00 -23.58
CA LYS A 476 -10.70 37.26 -23.70
C LYS A 476 -10.28 37.90 -22.37
N GLU A 477 -9.00 37.75 -22.01
CA GLU A 477 -8.47 38.27 -20.73
C GLU A 477 -6.94 38.25 -20.59
N LYS A 478 -6.43 39.09 -19.70
CA LYS A 478 -5.02 39.07 -19.32
C LYS A 478 -4.79 37.88 -18.39
N VAL A 479 -3.87 37.00 -18.78
CA VAL A 479 -3.47 35.85 -17.97
C VAL A 479 -2.51 36.24 -16.83
N ASP A 480 -3.01 36.13 -15.60
CA ASP A 480 -2.31 36.56 -14.39
C ASP A 480 -1.63 35.44 -13.59
N ILE A 481 -0.31 35.42 -13.59
CA ILE A 481 0.43 34.36 -12.89
C ILE A 481 1.44 34.89 -11.85
N HIS A 482 1.17 36.08 -11.32
CA HIS A 482 2.09 36.72 -10.39
C HIS A 482 2.15 36.05 -9.02
N ILE A 483 1.02 35.57 -8.52
CA ILE A 483 1.00 34.85 -7.23
C ILE A 483 1.94 33.64 -7.22
N PRO A 484 1.79 32.71 -8.17
CA PRO A 484 2.73 31.59 -8.31
C PRO A 484 4.20 32.00 -8.46
N CYS A 485 4.47 33.08 -9.20
CA CYS A 485 5.85 33.55 -9.38
C CYS A 485 6.42 34.12 -8.08
N THR A 486 5.59 34.84 -7.36
CA THR A 486 5.92 35.46 -6.09
C THR A 486 6.10 34.38 -5.03
N GLU A 487 5.21 33.38 -5.04
CA GLU A 487 5.31 32.31 -4.08
C GLU A 487 6.63 31.58 -4.31
N PHE A 488 6.91 31.24 -5.57
CA PHE A 488 8.21 30.67 -5.95
C PHE A 488 9.39 31.50 -5.40
N VAL A 489 9.41 32.81 -5.63
CA VAL A 489 10.52 33.62 -5.16
C VAL A 489 10.73 33.40 -3.67
N ASN A 490 9.66 33.46 -2.90
CA ASN A 490 9.74 33.25 -1.44
C ASN A 490 10.15 31.83 -1.00
N LEU A 491 10.02 30.86 -1.90
CA LEU A 491 10.52 29.51 -1.67
C LEU A 491 12.03 29.43 -1.80
N CYS A 492 12.63 30.36 -2.53
CA CYS A 492 14.08 30.38 -2.68
C CYS A 492 14.68 30.97 -1.42
N ARG A 493 14.15 30.50 -0.30
CA ARG A 493 14.36 31.08 1.01
C ARG A 493 15.65 30.54 1.62
N SER A 494 16.37 31.50 2.19
CA SER A 494 17.66 31.31 2.82
C SER A 494 17.45 30.45 4.08
N PHE A 495 17.71 29.14 3.97
CA PHE A 495 17.42 28.18 5.06
C PHE A 495 18.27 28.37 6.33
N ASN A 496 19.52 27.89 6.28
CA ASN A 496 20.52 28.23 7.30
C ASN A 496 21.77 28.87 6.68
N GLU A 497 21.51 29.76 5.71
CA GLU A 497 22.52 30.53 4.99
C GLU A 497 21.72 31.68 4.37
N ASP A 498 22.40 32.78 4.02
CA ASP A 498 21.72 34.00 3.60
C ASP A 498 21.96 34.32 2.12
N TYR A 499 20.91 34.70 1.40
CA TYR A 499 21.06 35.16 0.01
C TYR A 499 20.39 36.51 -0.26
N GLY A 500 20.10 37.24 0.82
CA GLY A 500 19.45 38.53 0.74
C GLY A 500 20.33 39.74 0.44
N ASP A 501 21.66 39.57 0.38
CA ASP A 501 22.53 40.68 0.02
C ASP A 501 22.62 40.89 -1.49
N HIS A 502 21.65 41.61 -2.05
CA HIS A 502 21.53 41.74 -3.52
C HIS A 502 22.74 42.37 -4.22
N LYS A 503 23.64 42.99 -3.47
CA LYS A 503 24.97 43.33 -3.99
C LYS A 503 25.73 42.07 -4.49
N VAL A 504 25.29 40.91 -4.04
CA VAL A 504 25.93 39.63 -4.36
C VAL A 504 24.94 38.71 -5.09
N PHE A 505 23.86 38.27 -4.43
CA PHE A 505 22.91 37.33 -5.10
C PHE A 505 21.65 38.01 -5.65
N ASN A 506 21.14 37.49 -6.75
CA ASN A 506 19.89 37.99 -7.31
C ASN A 506 19.05 36.90 -7.90
N LEU A 507 17.78 37.20 -8.09
CA LEU A 507 16.83 36.27 -8.67
C LEU A 507 15.84 37.05 -9.50
N ALA A 508 15.66 36.61 -10.73
CA ALA A 508 14.78 37.32 -11.60
C ALA A 508 14.05 36.31 -12.43
N LEU A 509 12.81 36.66 -12.76
CA LEU A 509 11.99 35.88 -13.67
C LEU A 509 11.56 36.83 -14.77
N ARG A 510 11.43 36.27 -15.96
CA ARG A 510 11.15 37.05 -17.14
C ARG A 510 10.27 36.21 -18.08
N PHE A 511 9.22 36.82 -18.57
CA PHE A 511 8.36 36.19 -19.55
C PHE A 511 8.73 36.68 -20.95
N VAL A 512 8.92 35.73 -21.85
CA VAL A 512 9.56 36.00 -23.13
C VAL A 512 8.89 35.25 -24.24
N LYS A 513 8.71 35.94 -25.35
CA LYS A 513 8.16 35.34 -26.55
C LYS A 513 9.25 34.51 -27.25
N GLY A 514 8.84 33.42 -27.91
CA GLY A 514 9.79 32.52 -28.61
C GLY A 514 10.87 33.19 -29.46
N TYR A 515 10.47 34.07 -30.37
CA TYR A 515 11.42 34.75 -31.24
C TYR A 515 12.47 35.60 -30.52
N ASP A 516 12.16 36.04 -29.30
CA ASP A 516 13.05 36.92 -28.56
C ASP A 516 13.90 36.14 -27.54
N LEU A 517 13.99 34.83 -27.71
CA LEU A 517 14.79 34.02 -26.81
C LEU A 517 16.27 34.36 -26.95
N PRO A 518 16.99 34.36 -25.83
CA PRO A 518 18.45 34.48 -25.85
C PRO A 518 19.16 33.51 -26.81
N ASP A 519 20.16 34.00 -27.54
CA ASP A 519 20.97 33.18 -28.46
C ASP A 519 21.48 31.88 -27.84
N GLU A 520 22.04 31.99 -26.64
CA GLU A 520 22.61 30.85 -25.90
C GLU A 520 21.75 29.60 -26.01
N VAL A 521 20.49 29.80 -26.32
CA VAL A 521 19.49 28.75 -26.31
C VAL A 521 19.46 27.91 -27.61
N PHE A 522 20.09 28.42 -28.68
CA PHE A 522 20.12 27.75 -29.97
C PHE A 522 21.53 27.26 -30.29
N ASP A 523 21.61 26.05 -30.85
CA ASP A 523 22.89 25.45 -31.26
C ASP A 523 23.55 26.23 -32.40
N GLU A 524 24.74 25.76 -32.81
CA GLU A 524 25.42 26.31 -33.98
C GLU A 524 24.57 26.18 -35.25
N ASN A 525 23.87 25.04 -35.39
CA ASN A 525 23.09 24.74 -36.60
C ASN A 525 21.61 25.17 -36.60
N GLU A 526 21.14 25.70 -35.46
CA GLU A 526 19.77 26.18 -35.36
C GLU A 526 19.63 27.65 -35.70
N LYS A 527 18.57 27.96 -36.45
CA LYS A 527 18.22 29.34 -36.75
C LYS A 527 17.05 29.75 -35.87
N ARG A 528 17.21 30.84 -35.11
CA ARG A 528 16.15 31.32 -34.21
C ARG A 528 14.86 31.67 -34.96
N PRO A 529 13.70 31.46 -34.34
CA PRO A 529 12.43 31.82 -34.95
C PRO A 529 12.22 33.32 -34.89
N SER A 530 11.30 33.81 -35.73
CA SER A 530 11.07 35.24 -35.91
C SER A 530 9.60 35.60 -35.67
N LYS A 531 9.29 36.90 -35.68
CA LYS A 531 7.94 37.39 -35.40
C LYS A 531 6.90 36.87 -36.41
N LYS A 532 5.97 36.06 -35.90
CA LYS A 532 4.92 35.41 -36.71
C LYS A 532 3.85 36.40 -37.15
N SER B 3 -24.06 -11.80 -18.30
CA SER B 3 -24.22 -12.77 -19.42
C SER B 3 -23.17 -13.87 -19.28
N GLN B 4 -21.90 -13.47 -19.27
CA GLN B 4 -20.79 -14.38 -19.03
C GLN B 4 -20.36 -14.40 -17.56
N LYS B 5 -20.45 -13.25 -16.90
CA LYS B 5 -20.00 -13.06 -15.52
C LYS B 5 -20.50 -14.15 -14.59
N VAL B 6 -21.63 -14.72 -14.97
CA VAL B 6 -22.32 -15.76 -14.24
C VAL B 6 -21.54 -17.11 -14.21
N PHE B 7 -20.59 -17.29 -15.11
CA PHE B 7 -19.77 -18.52 -15.15
C PHE B 7 -18.35 -18.34 -14.58
N GLY B 8 -18.06 -17.16 -14.04
CA GLY B 8 -16.79 -16.90 -13.35
C GLY B 8 -15.63 -16.54 -14.26
N ILE B 9 -14.48 -16.26 -13.65
CA ILE B 9 -13.32 -15.76 -14.37
C ILE B 9 -12.57 -16.80 -15.16
N THR B 10 -12.93 -18.07 -15.00
CA THR B 10 -12.35 -19.15 -15.84
C THR B 10 -13.39 -19.92 -16.64
N GLY B 11 -14.65 -19.49 -16.60
CA GLY B 11 -15.74 -20.24 -17.20
C GLY B 11 -16.06 -21.55 -16.48
N PRO B 12 -17.03 -22.30 -16.97
CA PRO B 12 -17.49 -23.52 -16.31
C PRO B 12 -16.43 -24.62 -16.36
N VAL B 13 -16.48 -25.52 -15.39
CA VAL B 13 -15.74 -26.79 -15.48
C VAL B 13 -16.59 -27.69 -16.36
N SER B 14 -17.91 -27.57 -16.25
CA SER B 14 -18.89 -28.46 -16.93
C SER B 14 -20.29 -27.81 -17.04
N THR B 15 -20.91 -27.88 -18.21
CA THR B 15 -22.28 -27.37 -18.38
C THR B 15 -23.37 -28.45 -18.28
N VAL B 16 -22.94 -29.71 -18.13
CA VAL B 16 -23.84 -30.85 -17.95
C VAL B 16 -24.82 -30.69 -16.75
N GLY B 17 -26.09 -31.01 -17.00
CA GLY B 17 -27.15 -30.95 -15.98
C GLY B 17 -27.22 -32.14 -15.04
N ALA B 18 -28.11 -32.05 -14.03
CA ALA B 18 -28.20 -33.07 -12.98
C ALA B 18 -28.77 -34.39 -13.49
N THR B 19 -28.28 -35.49 -12.95
CA THR B 19 -28.85 -36.79 -13.25
C THR B 19 -29.91 -37.13 -12.20
N ALA B 20 -30.75 -38.09 -12.53
CA ALA B 20 -31.83 -38.55 -11.65
C ALA B 20 -31.31 -39.02 -10.29
N ALA B 21 -30.09 -39.54 -10.26
CA ALA B 21 -29.47 -39.98 -9.00
C ALA B 21 -29.02 -38.78 -8.15
N GLU B 22 -28.51 -37.72 -8.79
CA GLU B 22 -28.16 -36.49 -8.06
C GLU B 22 -29.40 -35.79 -7.51
N ASN B 23 -30.44 -35.63 -8.35
CA ASN B 23 -31.74 -35.10 -7.92
C ASN B 23 -32.33 -35.82 -6.71
N LYS B 24 -32.27 -37.14 -6.73
CA LYS B 24 -32.67 -37.95 -5.58
C LYS B 24 -31.82 -37.59 -4.35
N LEU B 25 -30.54 -37.31 -4.54
CA LEU B 25 -29.69 -36.88 -3.43
C LEU B 25 -29.99 -35.44 -3.00
N ASN B 26 -30.35 -34.61 -3.97
CA ASN B 26 -30.76 -33.24 -3.70
C ASN B 26 -32.06 -33.23 -2.89
N ASP B 27 -32.94 -34.19 -3.15
CA ASP B 27 -34.16 -34.34 -2.36
C ASP B 27 -33.82 -34.65 -0.89
N SER B 28 -32.94 -35.63 -0.69
CA SER B 28 -32.46 -36.02 0.65
C SER B 28 -31.90 -34.81 1.38
N LEU B 29 -31.09 -34.02 0.66
CA LEU B 29 -30.45 -32.84 1.18
C LEU B 29 -31.48 -31.82 1.69
N ILE B 30 -32.40 -31.44 0.80
CA ILE B 30 -33.45 -30.47 1.11
C ILE B 30 -34.30 -30.95 2.29
N GLN B 31 -34.70 -32.23 2.28
CA GLN B 31 -35.39 -32.85 3.41
C GLN B 31 -34.60 -32.81 4.72
N GLU B 32 -33.29 -33.01 4.62
CA GLU B 32 -32.43 -33.00 5.79
C GLU B 32 -32.33 -31.58 6.33
N LEU B 33 -32.46 -30.61 5.42
CA LEU B 33 -32.42 -29.20 5.79
C LEU B 33 -33.69 -28.77 6.50
N LYS B 34 -34.83 -29.28 6.02
CA LYS B 34 -36.13 -29.03 6.66
C LYS B 34 -36.08 -29.58 8.09
N LYS B 35 -35.70 -30.85 8.20
CA LYS B 35 -35.55 -31.50 9.51
C LYS B 35 -34.78 -30.62 10.51
N GLU B 36 -33.88 -29.79 10.01
CA GLU B 36 -33.01 -29.01 10.86
C GLU B 36 -33.47 -27.56 11.10
N GLY B 37 -34.65 -27.23 10.58
CA GLY B 37 -35.26 -25.92 10.81
C GLY B 37 -34.48 -24.81 10.15
N SER B 38 -33.99 -25.09 8.94
CA SER B 38 -33.30 -24.09 8.15
C SER B 38 -34.29 -23.09 7.54
N PHE B 39 -35.49 -23.58 7.18
CA PHE B 39 -36.52 -22.78 6.55
C PHE B 39 -37.59 -22.37 7.54
N GLU B 40 -38.01 -21.12 7.47
CA GLU B 40 -39.08 -20.59 8.30
C GLU B 40 -40.43 -20.77 7.59
N THR B 41 -41.53 -20.51 8.31
CA THR B 41 -42.87 -20.63 7.73
C THR B 41 -43.16 -19.41 6.85
N GLU B 42 -43.98 -19.61 5.82
CA GLU B 42 -44.46 -18.51 4.99
C GLU B 42 -44.90 -17.33 5.85
N GLN B 43 -45.50 -17.65 6.99
CA GLN B 43 -45.94 -16.63 7.94
C GLN B 43 -44.81 -15.81 8.55
N GLU B 44 -43.75 -16.48 9.02
CA GLU B 44 -42.55 -15.79 9.48
C GLU B 44 -41.94 -14.91 8.38
N THR B 45 -42.00 -15.36 7.13
CA THR B 45 -41.57 -14.57 5.98
C THR B 45 -42.48 -13.38 5.74
N ALA B 46 -43.78 -13.66 5.67
CA ALA B 46 -44.77 -12.60 5.48
C ALA B 46 -44.67 -11.56 6.58
N ASN B 47 -44.26 -11.98 7.78
CA ASN B 47 -44.03 -11.04 8.88
C ASN B 47 -42.85 -10.13 8.55
N ARG B 48 -41.75 -10.76 8.15
CA ARG B 48 -40.54 -10.06 7.77
C ARG B 48 -40.86 -8.95 6.77
N VAL B 49 -41.55 -9.31 5.69
CA VAL B 49 -41.93 -8.37 4.63
C VAL B 49 -42.68 -7.13 5.14
N GLN B 50 -43.71 -7.37 5.96
CA GLN B 50 -44.52 -6.31 6.55
C GLN B 50 -43.67 -5.32 7.35
N VAL B 51 -42.73 -5.83 8.14
CA VAL B 51 -41.80 -4.97 8.87
C VAL B 51 -40.95 -4.10 7.92
N LEU B 52 -40.45 -4.69 6.84
CA LEU B 52 -39.64 -3.92 5.91
C LEU B 52 -40.48 -2.85 5.25
N LYS B 53 -41.72 -3.18 4.94
CA LYS B 53 -42.68 -2.21 4.41
C LYS B 53 -42.81 -0.98 5.36
N ILE B 54 -42.90 -1.23 6.66
CA ILE B 54 -43.01 -0.14 7.63
C ILE B 54 -41.70 0.63 7.80
N LEU B 55 -40.58 -0.07 7.67
CA LEU B 55 -39.30 0.59 7.81
C LEU B 55 -39.04 1.51 6.62
N GLN B 56 -39.52 1.11 5.45
CA GLN B 56 -39.42 1.96 4.27
C GLN B 56 -40.24 3.23 4.49
N GLU B 57 -41.53 3.07 4.81
CA GLU B 57 -42.40 4.18 5.12
C GLU B 57 -41.72 5.06 6.14
N LEU B 58 -41.17 4.48 7.19
CA LEU B 58 -40.47 5.22 8.23
C LEU B 58 -39.21 5.96 7.73
N ALA B 59 -38.51 5.36 6.75
CA ALA B 59 -37.30 5.99 6.22
C ALA B 59 -37.63 7.23 5.39
N GLN B 60 -38.73 7.17 4.65
CA GLN B 60 -39.17 8.31 3.86
C GLN B 60 -39.64 9.44 4.77
N ARG B 61 -40.29 9.08 5.88
CA ARG B 61 -40.74 10.05 6.85
C ARG B 61 -39.53 10.73 7.46
N PHE B 62 -38.51 9.94 7.75
CA PHE B 62 -37.27 10.41 8.32
C PHE B 62 -36.64 11.50 7.45
N VAL B 63 -36.51 11.24 6.16
CA VAL B 63 -35.90 12.18 5.25
C VAL B 63 -36.84 13.35 4.99
N TYR B 64 -38.13 13.05 4.88
CA TYR B 64 -39.16 14.08 4.71
C TYR B 64 -38.98 15.17 5.75
N GLU B 65 -38.86 14.77 7.01
CA GLU B 65 -38.84 15.74 8.10
C GLU B 65 -37.52 16.50 8.27
N VAL B 66 -36.41 15.87 7.90
CA VAL B 66 -35.11 16.53 7.94
C VAL B 66 -35.05 17.54 6.81
N SER B 67 -35.68 17.20 5.69
CA SER B 67 -35.81 18.10 4.54
C SER B 67 -36.73 19.29 4.86
N LYS B 68 -37.73 19.06 5.69
CA LYS B 68 -38.64 20.16 6.08
C LYS B 68 -37.94 21.15 7.02
N LYS B 69 -37.21 20.63 8.01
CA LYS B 69 -36.45 21.47 8.92
C LYS B 69 -35.33 22.22 8.21
N LYS B 70 -35.09 21.89 6.94
CA LYS B 70 -34.12 22.64 6.13
C LYS B 70 -34.81 23.47 5.07
N ASN B 71 -36.07 23.81 5.31
CA ASN B 71 -36.85 24.71 4.46
C ASN B 71 -37.10 24.26 3.01
N MET B 72 -37.12 22.95 2.78
CA MET B 72 -37.55 22.45 1.47
C MET B 72 -39.08 22.50 1.40
N SER B 73 -39.60 22.82 0.23
CA SER B 73 -41.03 22.72 -0.03
C SER B 73 -41.46 21.27 0.18
N ASP B 74 -42.75 21.06 0.44
CA ASP B 74 -43.28 19.71 0.62
C ASP B 74 -42.91 18.81 -0.55
N GLY B 75 -42.99 19.36 -1.76
CA GLY B 75 -42.53 18.69 -2.96
C GLY B 75 -41.09 18.21 -2.90
N MET B 76 -40.14 19.13 -2.67
CA MET B 76 -38.74 18.72 -2.61
C MET B 76 -38.46 17.73 -1.48
N ALA B 77 -38.95 18.04 -0.29
CA ALA B 77 -38.92 17.12 0.82
C ALA B 77 -39.35 15.70 0.43
N ARG B 78 -40.47 15.55 -0.28
CA ARG B 78 -40.90 14.22 -0.77
C ARG B 78 -39.87 13.58 -1.70
N ASP B 79 -39.47 14.33 -2.73
CA ASP B 79 -38.56 13.84 -3.76
C ASP B 79 -37.19 13.51 -3.23
N ALA B 80 -36.84 14.09 -2.09
CA ALA B 80 -35.60 13.77 -1.40
C ALA B 80 -35.58 12.27 -1.07
N GLY B 81 -36.76 11.68 -0.99
CA GLY B 81 -36.94 10.24 -0.92
C GLY B 81 -36.42 9.65 0.37
N GLY B 82 -35.48 8.72 0.26
CA GLY B 82 -34.93 8.01 1.40
C GLY B 82 -35.41 6.58 1.28
N LYS B 83 -34.49 5.62 1.34
CA LYS B 83 -34.85 4.23 0.99
C LYS B 83 -34.04 3.20 1.75
N ILE B 84 -34.68 2.06 1.96
CA ILE B 84 -34.20 0.95 2.76
C ILE B 84 -33.72 -0.21 1.87
N PHE B 85 -32.62 -0.84 2.26
CA PHE B 85 -32.06 -2.01 1.58
C PHE B 85 -31.78 -3.12 2.59
N THR B 86 -31.90 -4.38 2.20
CA THR B 86 -31.40 -5.46 3.05
C THR B 86 -30.12 -6.05 2.50
N TYR B 87 -29.37 -6.74 3.36
CA TYR B 87 -28.15 -7.43 2.96
C TYR B 87 -27.89 -8.69 3.82
N GLY B 88 -26.76 -9.36 3.64
CA GLY B 88 -26.48 -10.59 4.39
C GLY B 88 -27.48 -11.72 4.12
N SER B 89 -27.73 -12.55 5.13
CA SER B 89 -28.60 -13.72 4.95
C SER B 89 -29.98 -13.48 4.31
N TYR B 90 -30.73 -12.51 4.86
CA TYR B 90 -32.10 -12.33 4.45
C TYR B 90 -32.17 -11.91 2.99
N ARG B 91 -31.28 -11.01 2.61
CA ARG B 91 -31.28 -10.52 1.25
C ARG B 91 -30.89 -11.65 0.31
N LEU B 92 -29.99 -12.53 0.76
CA LEU B 92 -29.53 -13.66 -0.09
C LEU B 92 -30.58 -14.75 -0.20
N GLY B 93 -31.56 -14.72 0.72
CA GLY B 93 -32.60 -15.73 0.82
C GLY B 93 -32.20 -17.01 1.56
N VAL B 94 -31.21 -16.92 2.46
CA VAL B 94 -30.73 -18.10 3.18
C VAL B 94 -30.90 -17.97 4.69
N HIS B 95 -31.84 -17.14 5.08
CA HIS B 95 -32.15 -16.86 6.48
C HIS B 95 -32.95 -18.00 7.13
N GLY B 96 -32.85 -18.08 8.46
CA GLY B 96 -33.62 -19.05 9.22
C GLY B 96 -34.64 -18.41 10.14
N PRO B 97 -35.38 -19.24 10.87
CA PRO B 97 -36.39 -18.72 11.81
C PRO B 97 -35.85 -17.63 12.75
N GLY B 98 -34.67 -17.87 13.34
CA GLY B 98 -34.15 -16.92 14.32
C GLY B 98 -33.53 -15.66 13.73
N SER B 99 -33.05 -15.77 12.50
CA SER B 99 -32.10 -14.80 11.94
C SER B 99 -32.56 -13.34 11.88
N ASP B 100 -31.58 -12.45 11.96
CA ASP B 100 -31.77 -11.01 11.89
C ASP B 100 -31.90 -10.56 10.44
N ILE B 101 -32.43 -9.37 10.25
CA ILE B 101 -32.43 -8.74 8.95
C ILE B 101 -31.45 -7.58 9.03
N ASP B 102 -30.38 -7.69 8.24
CA ASP B 102 -29.41 -6.64 8.06
C ASP B 102 -30.02 -5.59 7.13
N THR B 103 -30.27 -4.41 7.68
CA THR B 103 -30.98 -3.39 6.93
C THR B 103 -30.15 -2.14 6.81
N LEU B 104 -30.22 -1.52 5.65
CA LEU B 104 -29.46 -0.32 5.38
C LEU B 104 -30.42 0.77 4.95
N VAL B 105 -30.38 1.90 5.66
CA VAL B 105 -31.13 3.12 5.27
C VAL B 105 -30.24 4.09 4.48
N VAL B 106 -30.60 4.34 3.23
CA VAL B 106 -29.86 5.27 2.40
C VAL B 106 -30.58 6.60 2.35
N VAL B 107 -29.87 7.65 2.78
CA VAL B 107 -30.38 9.01 2.85
C VAL B 107 -29.52 9.98 2.03
N PRO B 108 -30.12 11.07 1.57
CA PRO B 108 -29.40 12.11 0.82
C PRO B 108 -28.49 13.05 1.66
N LYS B 109 -27.69 13.86 0.94
CA LYS B 109 -26.61 14.68 1.49
C LYS B 109 -26.97 15.52 2.71
N HIS B 110 -28.16 16.10 2.71
CA HIS B 110 -28.58 17.00 3.78
C HIS B 110 -29.08 16.27 5.04
N VAL B 111 -29.03 14.94 5.04
CA VAL B 111 -29.43 14.16 6.22
C VAL B 111 -28.18 13.57 6.89
N THR B 112 -27.94 13.96 8.13
CA THR B 112 -26.68 13.64 8.82
C THR B 112 -26.81 12.38 9.68
N ARG B 113 -25.68 11.94 10.23
CA ARG B 113 -25.69 10.80 11.14
C ARG B 113 -26.39 11.14 12.45
N GLU B 114 -26.34 12.41 12.85
CA GLU B 114 -27.01 12.86 14.07
C GLU B 114 -28.53 12.81 13.88
N ASP B 115 -28.99 13.16 12.69
CA ASP B 115 -30.41 13.08 12.34
C ASP B 115 -30.90 11.64 12.49
N PHE B 116 -30.07 10.70 12.06
CA PHE B 116 -30.37 9.28 12.14
C PHE B 116 -30.61 8.81 13.56
N PHE B 117 -29.75 9.24 14.49
CA PHE B 117 -29.86 8.85 15.90
C PHE B 117 -30.80 9.77 16.70
N THR B 118 -31.52 10.62 16.00
CA THR B 118 -32.44 11.54 16.63
C THR B 118 -33.80 11.40 15.98
N VAL B 119 -33.91 11.85 14.74
CA VAL B 119 -35.18 11.84 14.04
C VAL B 119 -35.63 10.41 13.71
N PHE B 120 -34.71 9.57 13.25
CA PHE B 120 -35.06 8.21 12.91
C PHE B 120 -35.32 7.40 14.16
N ASP B 121 -34.48 7.61 15.16
CA ASP B 121 -34.65 7.02 16.48
C ASP B 121 -36.06 7.36 17.01
N SER B 122 -36.38 8.65 17.09
CA SER B 122 -37.69 9.14 17.55
C SER B 122 -38.88 8.55 16.79
N LEU B 123 -38.67 8.25 15.52
CA LEU B 123 -39.71 7.67 14.68
C LEU B 123 -39.94 6.21 15.01
N LEU B 124 -38.88 5.54 15.44
CA LEU B 124 -38.97 4.13 15.84
C LEU B 124 -39.72 3.97 17.16
N ARG B 125 -39.48 4.88 18.10
CA ARG B 125 -40.15 4.84 19.41
C ARG B 125 -41.64 5.20 19.35
N GLU B 126 -42.06 5.91 18.31
CA GLU B 126 -43.50 6.20 18.07
C GLU B 126 -44.32 4.95 17.74
N ARG B 127 -43.65 3.89 17.29
CA ARG B 127 -44.36 2.67 16.89
C ARG B 127 -44.64 1.73 18.07
N LYS B 128 -45.75 1.01 18.01
CA LYS B 128 -46.07 0.05 19.07
C LYS B 128 -45.37 -1.28 18.82
N GLU B 129 -45.05 -1.54 17.56
CA GLU B 129 -44.40 -2.76 17.14
C GLU B 129 -42.99 -2.83 17.68
N LEU B 130 -42.46 -1.68 18.09
CA LEU B 130 -41.13 -1.61 18.71
C LEU B 130 -41.16 -2.35 20.05
N ASP B 131 -40.24 -3.29 20.20
CA ASP B 131 -40.15 -4.12 21.39
C ASP B 131 -38.88 -3.81 22.16
N GLU B 132 -37.79 -3.52 21.44
CA GLU B 132 -36.51 -3.09 22.03
C GLU B 132 -35.75 -2.19 21.08
N ILE B 133 -34.95 -1.30 21.66
CA ILE B 133 -34.07 -0.41 20.89
C ILE B 133 -32.78 -0.19 21.66
N ALA B 134 -31.67 -0.21 20.95
CA ALA B 134 -30.35 0.02 21.54
C ALA B 134 -29.48 0.75 20.50
N PRO B 135 -29.53 2.08 20.52
CA PRO B 135 -28.69 2.91 19.66
C PRO B 135 -27.21 2.78 20.03
N VAL B 136 -26.40 2.25 19.13
CA VAL B 136 -24.96 2.15 19.34
C VAL B 136 -24.22 2.97 18.28
N PRO B 137 -24.03 4.28 18.51
CA PRO B 137 -23.12 5.04 17.65
C PRO B 137 -21.72 4.52 17.91
N ASP B 138 -20.72 5.05 17.22
CA ASP B 138 -19.31 4.75 17.53
C ASP B 138 -18.88 3.27 17.39
N ALA B 139 -19.77 2.42 16.90
CA ALA B 139 -19.37 1.08 16.50
C ALA B 139 -18.55 1.19 15.21
N PHE B 140 -17.88 0.10 14.83
CA PHE B 140 -17.19 -0.01 13.54
C PHE B 140 -18.08 0.58 12.44
N VAL B 141 -19.34 0.12 12.38
CA VAL B 141 -20.38 0.78 11.60
C VAL B 141 -21.47 1.27 12.58
N PRO B 142 -21.73 2.58 12.58
CA PRO B 142 -22.73 3.19 13.47
C PRO B 142 -24.11 2.59 13.25
N ILE B 143 -24.64 1.94 14.29
CA ILE B 143 -25.80 1.07 14.15
C ILE B 143 -26.93 1.37 15.15
N ILE B 144 -28.16 1.03 14.75
CA ILE B 144 -29.25 0.96 15.71
C ILE B 144 -29.85 -0.43 15.63
N LYS B 145 -29.66 -1.22 16.68
CA LYS B 145 -30.26 -2.56 16.79
C LYS B 145 -31.66 -2.47 17.40
N ILE B 146 -32.64 -3.09 16.75
CA ILE B 146 -34.02 -3.10 17.26
C ILE B 146 -34.67 -4.48 17.23
N LYS B 147 -35.69 -4.64 18.04
CA LYS B 147 -36.65 -5.75 17.92
C LYS B 147 -38.02 -5.15 17.57
N PHE B 148 -38.57 -5.55 16.42
CA PHE B 148 -39.75 -4.90 15.84
C PHE B 148 -40.75 -5.96 15.45
N SER B 149 -41.92 -5.92 16.09
CA SER B 149 -42.90 -7.01 16.01
C SER B 149 -42.26 -8.38 16.13
N GLY B 150 -41.40 -8.54 17.13
CA GLY B 150 -40.70 -9.81 17.40
C GLY B 150 -39.41 -10.01 16.63
N ILE B 151 -39.28 -9.34 15.46
CA ILE B 151 -38.13 -9.53 14.54
C ILE B 151 -36.92 -8.66 14.90
N SER B 152 -35.72 -9.25 14.81
CA SER B 152 -34.46 -8.54 15.06
C SER B 152 -33.92 -7.91 13.80
N ILE B 153 -33.61 -6.62 13.89
CA ILE B 153 -33.21 -5.81 12.74
C ILE B 153 -32.01 -4.95 13.07
N ASP B 154 -31.02 -5.03 12.21
CA ASP B 154 -29.79 -4.27 12.31
C ASP B 154 -29.91 -3.13 11.33
N LEU B 155 -29.95 -1.90 11.85
CA LEU B 155 -30.08 -0.74 10.99
C LEU B 155 -28.82 0.12 10.96
N ILE B 156 -28.22 0.24 9.77
CA ILE B 156 -27.15 1.20 9.56
C ILE B 156 -27.57 2.26 8.55
N CYS B 157 -26.74 3.28 8.44
CA CYS B 157 -27.09 4.43 7.64
C CYS B 157 -25.97 4.81 6.68
N ALA B 158 -26.37 5.10 5.45
CA ALA B 158 -25.45 5.63 4.45
C ALA B 158 -25.94 6.99 3.97
N ARG B 159 -25.05 7.99 4.00
CA ARG B 159 -25.33 9.34 3.59
C ARG B 159 -24.62 9.62 2.27
N LEU B 160 -25.40 9.67 1.16
CA LEU B 160 -24.86 9.82 -0.21
C LEU B 160 -24.59 11.26 -0.59
N ASP B 161 -23.59 11.44 -1.46
CA ASP B 161 -23.28 12.73 -2.07
C ASP B 161 -24.26 13.06 -3.21
N GLN B 162 -25.54 13.12 -2.83
CA GLN B 162 -26.65 13.37 -3.73
C GLN B 162 -27.79 14.07 -2.98
N PRO B 163 -28.53 14.91 -3.69
CA PRO B 163 -29.67 15.59 -3.12
C PRO B 163 -30.87 14.68 -2.89
N GLN B 164 -30.95 13.57 -3.62
CA GLN B 164 -32.15 12.72 -3.58
C GLN B 164 -31.86 11.25 -3.57
N VAL B 165 -32.67 10.49 -2.86
CA VAL B 165 -32.61 9.04 -2.94
C VAL B 165 -33.99 8.52 -3.39
N PRO B 166 -34.17 8.39 -4.70
CA PRO B 166 -35.47 8.01 -5.24
C PRO B 166 -35.77 6.56 -4.88
N LEU B 167 -37.01 6.15 -5.04
CA LEU B 167 -37.42 4.81 -4.67
C LEU B 167 -36.78 3.77 -5.57
N SER B 168 -36.38 4.19 -6.75
CA SER B 168 -35.86 3.26 -7.72
C SER B 168 -34.35 3.11 -7.67
N LEU B 169 -33.70 3.65 -6.64
CA LEU B 169 -32.25 3.60 -6.56
C LEU B 169 -31.72 2.17 -6.35
N THR B 170 -30.80 1.73 -7.21
CA THR B 170 -30.04 0.52 -6.92
C THR B 170 -28.66 0.98 -6.49
N LEU B 171 -27.91 0.17 -5.76
CA LEU B 171 -26.62 0.67 -5.29
C LEU B 171 -25.46 0.24 -6.15
N SER B 172 -25.76 -0.14 -7.38
CA SER B 172 -24.80 -0.80 -8.25
C SER B 172 -23.60 0.06 -8.70
N ASP B 173 -23.88 1.25 -9.25
CA ASP B 173 -22.88 2.18 -9.78
C ASP B 173 -21.79 2.56 -8.78
N LYS B 174 -20.53 2.48 -9.20
CA LYS B 174 -19.42 2.83 -8.29
C LYS B 174 -19.32 4.34 -7.98
N ASN B 175 -19.86 5.17 -8.87
CA ASN B 175 -19.97 6.60 -8.59
C ASN B 175 -20.67 6.94 -7.28
N LEU B 176 -21.61 6.08 -6.85
CA LEU B 176 -22.29 6.28 -5.57
C LEU B 176 -21.30 6.44 -4.41
N LEU B 177 -20.09 5.93 -4.59
CA LEU B 177 -19.07 5.96 -3.57
C LEU B 177 -18.38 7.30 -3.42
N ARG B 178 -18.60 8.23 -4.37
CA ARG B 178 -17.87 9.51 -4.39
C ARG B 178 -18.14 10.36 -3.16
N ASN B 179 -17.06 10.96 -2.64
CA ASN B 179 -17.05 11.77 -1.41
C ASN B 179 -17.71 11.13 -0.21
N LEU B 180 -17.66 9.81 -0.11
CA LEU B 180 -18.19 9.17 1.08
C LEU B 180 -17.08 9.03 2.11
N ASP B 181 -17.34 9.49 3.32
CA ASP B 181 -16.40 9.26 4.39
C ASP B 181 -16.39 7.76 4.76
N GLU B 182 -15.47 7.35 5.61
CA GLU B 182 -15.18 5.95 5.87
C GLU B 182 -16.38 5.12 6.32
N LYS B 183 -17.14 5.62 7.30
CA LYS B 183 -18.26 4.87 7.86
C LYS B 183 -19.36 4.61 6.81
N ASP B 184 -19.62 5.60 5.96
CA ASP B 184 -20.55 5.47 4.85
C ASP B 184 -20.07 4.43 3.79
N LEU B 185 -18.79 4.48 3.44
CA LEU B 185 -18.20 3.46 2.57
C LEU B 185 -18.42 2.05 3.08
N ARG B 186 -18.25 1.86 4.39
CA ARG B 186 -18.54 0.59 5.03
C ARG B 186 -20.01 0.26 4.91
N ALA B 187 -20.86 1.26 5.10
CA ALA B 187 -22.30 1.02 5.18
C ALA B 187 -22.87 0.57 3.84
N LEU B 188 -22.36 1.12 2.75
CA LEU B 188 -22.77 0.70 1.41
C LEU B 188 -22.25 -0.66 0.99
N ASN B 189 -21.14 -1.07 1.58
CA ASN B 189 -20.45 -2.26 1.10
C ASN B 189 -21.23 -3.56 1.26
N GLY B 190 -21.84 -3.76 2.43
CA GLY B 190 -22.65 -4.95 2.66
C GLY B 190 -23.63 -5.22 1.53
N THR B 191 -24.44 -4.21 1.23
CA THR B 191 -25.47 -4.31 0.22
C THR B 191 -24.91 -4.47 -1.18
N ARG B 192 -23.87 -3.72 -1.51
CA ARG B 192 -23.32 -3.81 -2.85
C ARG B 192 -22.76 -5.22 -3.12
N VAL B 193 -22.15 -5.80 -2.09
CA VAL B 193 -21.57 -7.13 -2.15
C VAL B 193 -22.64 -8.22 -2.33
N THR B 194 -23.63 -8.23 -1.43
CA THR B 194 -24.75 -9.15 -1.53
C THR B 194 -25.45 -9.08 -2.89
N ASP B 195 -25.74 -7.89 -3.36
CA ASP B 195 -26.35 -7.70 -4.66
C ASP B 195 -25.49 -8.30 -5.78
N GLU B 196 -24.18 -8.08 -5.70
CA GLU B 196 -23.25 -8.59 -6.69
C GLU B 196 -23.15 -10.09 -6.61
N ILE B 197 -23.16 -10.64 -5.40
CA ILE B 197 -23.20 -12.09 -5.24
C ILE B 197 -24.40 -12.69 -5.99
N LEU B 198 -25.61 -12.20 -5.71
CA LEU B 198 -26.80 -12.68 -6.43
C LEU B 198 -26.69 -12.61 -7.94
N GLU B 199 -26.01 -11.58 -8.45
CA GLU B 199 -25.85 -11.39 -9.89
C GLU B 199 -24.73 -12.22 -10.56
N LEU B 200 -24.02 -13.02 -9.77
CA LEU B 200 -22.81 -13.70 -10.22
C LEU B 200 -22.93 -15.21 -10.22
N VAL B 201 -24.15 -15.67 -10.03
CA VAL B 201 -24.50 -17.06 -9.80
C VAL B 201 -25.48 -17.41 -10.92
N PRO B 202 -25.31 -18.56 -11.59
CA PRO B 202 -26.15 -18.88 -12.74
C PRO B 202 -27.56 -19.34 -12.34
N LYS B 203 -27.66 -20.10 -11.25
CA LYS B 203 -28.95 -20.59 -10.77
C LYS B 203 -29.06 -20.35 -9.25
N PRO B 204 -29.57 -19.17 -8.87
CA PRO B 204 -29.69 -18.73 -7.47
C PRO B 204 -30.37 -19.73 -6.54
N ASN B 205 -31.41 -20.39 -7.03
CA ASN B 205 -32.11 -21.42 -6.25
C ASN B 205 -31.19 -22.55 -5.72
N VAL B 206 -30.31 -23.04 -6.60
CA VAL B 206 -29.32 -24.06 -6.28
C VAL B 206 -28.29 -23.49 -5.32
N PHE B 207 -27.95 -22.22 -5.57
CA PHE B 207 -26.99 -21.50 -4.75
C PHE B 207 -27.50 -21.46 -3.31
N ARG B 208 -28.77 -21.12 -3.15
CA ARG B 208 -29.40 -20.95 -1.86
C ARG B 208 -29.38 -22.22 -1.05
N ILE B 209 -29.87 -23.30 -1.64
CA ILE B 209 -29.83 -24.59 -0.97
C ILE B 209 -28.37 -24.94 -0.61
N ALA B 210 -27.47 -24.92 -1.59
CA ALA B 210 -26.04 -25.12 -1.31
C ALA B 210 -25.49 -24.28 -0.13
N LEU B 211 -25.81 -22.98 -0.11
CA LEU B 211 -25.36 -22.12 1.01
C LEU B 211 -26.03 -22.55 2.28
N ARG B 212 -27.37 -22.63 2.30
CA ARG B 212 -28.06 -23.15 3.47
C ARG B 212 -27.28 -24.32 4.09
N ALA B 213 -26.93 -25.30 3.24
CA ALA B 213 -26.18 -26.46 3.67
C ALA B 213 -24.85 -26.05 4.31
N ILE B 214 -24.13 -25.12 3.66
CA ILE B 214 -22.80 -24.77 4.10
C ILE B 214 -22.80 -24.01 5.42
N LYS B 215 -23.72 -23.06 5.56
CA LYS B 215 -23.95 -22.36 6.83
C LYS B 215 -24.15 -23.36 8.00
N LEU B 216 -25.06 -24.31 7.83
CA LEU B 216 -25.32 -25.36 8.83
C LEU B 216 -24.07 -26.20 9.17
N TRP B 217 -23.46 -26.77 8.14
CA TRP B 217 -22.16 -27.43 8.22
C TRP B 217 -21.11 -26.61 8.99
N ALA B 218 -20.99 -25.32 8.67
CA ALA B 218 -19.87 -24.54 9.18
C ALA B 218 -20.07 -24.21 10.65
N GLN B 219 -21.32 -23.91 11.00
CA GLN B 219 -21.73 -23.75 12.38
C GLN B 219 -21.42 -25.01 13.18
N ARG B 220 -21.84 -26.16 12.64
CA ARG B 220 -21.72 -27.40 13.36
C ARG B 220 -20.26 -27.83 13.55
N ARG B 221 -19.44 -27.66 12.51
CA ARG B 221 -18.04 -28.07 12.55
C ARG B 221 -17.14 -26.99 13.18
N ALA B 222 -17.78 -25.92 13.68
CA ALA B 222 -17.10 -24.78 14.33
C ALA B 222 -16.07 -24.05 13.44
N VAL B 223 -16.43 -23.79 12.19
CA VAL B 223 -15.58 -23.04 11.26
C VAL B 223 -16.36 -21.82 10.70
N TYR B 224 -17.20 -21.27 11.56
CA TYR B 224 -18.04 -20.17 11.16
C TYR B 224 -17.97 -19.14 12.24
N ALA B 225 -17.11 -18.13 12.06
CA ALA B 225 -16.99 -16.99 13.02
C ALA B 225 -15.84 -16.07 12.69
N ASN B 226 -16.13 -15.07 11.89
CA ASN B 226 -15.16 -14.05 11.52
C ASN B 226 -14.23 -13.51 12.63
N ILE B 227 -14.80 -13.16 13.79
CA ILE B 227 -14.03 -12.48 14.83
C ILE B 227 -12.97 -13.40 15.44
N PHE B 228 -13.13 -14.70 15.23
CA PHE B 228 -12.20 -15.70 15.74
C PHE B 228 -11.30 -16.35 14.70
N GLY B 229 -11.13 -15.70 13.56
CA GLY B 229 -10.26 -16.21 12.49
C GLY B 229 -10.92 -17.19 11.55
N PHE B 230 -12.23 -17.31 11.59
CA PHE B 230 -12.92 -18.20 10.65
C PHE B 230 -13.69 -17.39 9.62
N PRO B 231 -14.05 -18.00 8.49
CA PRO B 231 -14.94 -17.33 7.56
C PRO B 231 -16.32 -17.02 8.22
N GLY B 232 -16.91 -15.90 7.85
CA GLY B 232 -18.23 -15.54 8.34
C GLY B 232 -19.18 -15.69 7.19
N GLY B 233 -20.42 -15.19 7.38
CA GLY B 233 -21.51 -15.41 6.44
C GLY B 233 -21.22 -15.06 4.99
N VAL B 234 -20.70 -13.86 4.76
CA VAL B 234 -20.46 -13.35 3.39
C VAL B 234 -19.34 -14.11 2.71
N ALA B 235 -18.31 -14.47 3.48
CA ALA B 235 -17.19 -15.28 2.99
C ALA B 235 -17.68 -16.65 2.50
N TRP B 236 -18.40 -17.38 3.35
CA TRP B 236 -19.00 -18.66 2.95
C TRP B 236 -19.90 -18.49 1.74
N ALA B 237 -20.64 -17.38 1.72
CA ALA B 237 -21.51 -17.08 0.59
C ALA B 237 -20.70 -17.02 -0.70
N MET B 238 -19.54 -16.37 -0.64
CA MET B 238 -18.72 -16.21 -1.84
C MET B 238 -18.03 -17.49 -2.20
N LEU B 239 -17.54 -18.21 -1.19
CA LEU B 239 -16.97 -19.52 -1.46
C LEU B 239 -17.96 -20.41 -2.22
N VAL B 240 -19.21 -20.42 -1.80
CA VAL B 240 -20.23 -21.24 -2.49
C VAL B 240 -20.51 -20.72 -3.91
N ALA B 241 -20.50 -19.40 -4.08
CA ALA B 241 -20.73 -18.81 -5.39
C ALA B 241 -19.71 -19.31 -6.41
N ARG B 242 -18.43 -19.36 -5.99
CA ARG B 242 -17.35 -19.74 -6.90
C ARG B 242 -17.64 -21.12 -7.48
N ILE B 243 -18.10 -22.02 -6.64
CA ILE B 243 -18.36 -23.37 -7.13
C ILE B 243 -19.56 -23.34 -8.05
N CYS B 244 -20.62 -22.66 -7.63
CA CYS B 244 -21.80 -22.52 -8.49
C CYS B 244 -21.42 -22.07 -9.89
N GLN B 245 -20.57 -21.04 -9.98
CA GLN B 245 -20.05 -20.53 -11.25
C GLN B 245 -19.41 -21.63 -12.04
N LEU B 246 -18.69 -22.50 -11.35
CA LEU B 246 -17.99 -23.61 -11.97
C LEU B 246 -18.89 -24.67 -12.59
N TYR B 247 -20.12 -24.80 -12.11
CA TYR B 247 -21.06 -25.89 -12.52
C TYR B 247 -22.51 -25.39 -12.69
N PRO B 248 -22.74 -24.57 -13.72
CA PRO B 248 -23.98 -23.80 -13.87
C PRO B 248 -25.27 -24.62 -13.99
N ASN B 249 -25.18 -25.93 -14.24
CA ASN B 249 -26.41 -26.72 -14.39
C ASN B 249 -26.51 -27.86 -13.41
N ALA B 250 -25.71 -27.78 -12.36
CA ALA B 250 -25.69 -28.81 -11.37
C ALA B 250 -26.78 -28.60 -10.33
N CYS B 251 -27.20 -29.68 -9.71
CA CYS B 251 -28.05 -29.58 -8.52
C CYS B 251 -27.17 -29.24 -7.31
N SER B 252 -27.78 -28.88 -6.19
CA SER B 252 -27.03 -28.38 -5.02
C SER B 252 -26.23 -29.47 -4.31
N ALA B 253 -26.74 -30.71 -4.37
CA ALA B 253 -26.03 -31.89 -3.90
C ALA B 253 -24.61 -31.91 -4.47
N VAL B 254 -24.54 -31.69 -5.78
CA VAL B 254 -23.30 -31.79 -6.54
C VAL B 254 -22.38 -30.65 -6.17
N ILE B 255 -22.95 -29.44 -6.08
CA ILE B 255 -22.16 -28.29 -5.64
C ILE B 255 -21.44 -28.64 -4.34
N LEU B 256 -22.15 -29.23 -3.38
CA LEU B 256 -21.54 -29.52 -2.09
C LEU B 256 -20.33 -30.42 -2.23
N ASN B 257 -20.51 -31.56 -2.90
CA ASN B 257 -19.44 -32.50 -3.15
C ASN B 257 -18.26 -31.78 -3.79
N ARG B 258 -18.53 -31.10 -4.90
CA ARG B 258 -17.50 -30.33 -5.62
C ARG B 258 -16.84 -29.20 -4.82
N PHE B 259 -17.61 -28.64 -3.89
CA PHE B 259 -17.16 -27.51 -3.05
C PHE B 259 -15.99 -27.96 -2.14
N PHE B 260 -16.18 -29.09 -1.46
CA PHE B 260 -15.17 -29.63 -0.57
C PHE B 260 -13.96 -30.17 -1.32
N ILE B 261 -14.18 -30.67 -2.52
CA ILE B 261 -13.07 -31.18 -3.29
C ILE B 261 -12.26 -30.01 -3.83
N ILE B 262 -12.93 -29.05 -4.46
CA ILE B 262 -12.19 -27.97 -5.12
C ILE B 262 -11.50 -27.06 -4.08
N LEU B 263 -12.19 -26.78 -2.98
CA LEU B 263 -11.63 -25.91 -1.92
C LEU B 263 -10.52 -26.56 -1.08
N SER B 264 -10.57 -27.89 -0.92
CA SER B 264 -9.51 -28.55 -0.17
C SER B 264 -8.24 -28.63 -1.00
N GLU B 265 -8.39 -28.82 -2.31
CA GLU B 265 -7.27 -28.90 -3.23
C GLU B 265 -6.78 -27.56 -3.74
N TRP B 266 -7.59 -26.53 -3.58
CA TRP B 266 -7.20 -25.14 -3.92
C TRP B 266 -5.76 -24.82 -3.52
N ASN B 267 -5.02 -24.18 -4.42
CA ASN B 267 -3.63 -23.85 -4.18
C ASN B 267 -3.48 -22.58 -3.32
N TRP B 268 -3.88 -22.69 -2.06
CA TRP B 268 -3.89 -21.53 -1.19
C TRP B 268 -2.52 -20.96 -0.86
N PRO B 269 -2.25 -19.76 -1.34
CA PRO B 269 -2.84 -18.53 -0.83
C PRO B 269 -3.59 -17.89 -2.03
N GLN B 270 -3.62 -18.58 -3.19
CA GLN B 270 -4.31 -18.10 -4.41
CA GLN B 270 -4.29 -18.05 -4.38
C GLN B 270 -5.74 -17.70 -4.04
N PRO B 271 -6.15 -16.47 -4.37
CA PRO B 271 -7.41 -15.94 -3.86
C PRO B 271 -8.62 -16.47 -4.59
N VAL B 272 -9.75 -16.65 -3.89
CA VAL B 272 -10.98 -16.89 -4.65
C VAL B 272 -11.69 -15.59 -5.03
N ILE B 273 -11.81 -15.38 -6.33
CA ILE B 273 -12.36 -14.17 -6.94
C ILE B 273 -13.57 -14.54 -7.84
N LEU B 274 -14.62 -13.72 -7.79
CA LEU B 274 -15.89 -14.08 -8.41
C LEU B 274 -16.05 -13.43 -9.77
N LYS B 275 -15.43 -12.25 -9.92
CA LYS B 275 -15.34 -11.59 -11.19
C LYS B 275 -13.99 -10.87 -11.25
N PRO B 276 -13.58 -10.39 -12.43
CA PRO B 276 -12.32 -9.66 -12.51
C PRO B 276 -12.38 -8.42 -11.63
N ILE B 277 -11.28 -8.16 -10.94
CA ILE B 277 -11.15 -7.00 -10.07
C ILE B 277 -11.17 -5.77 -10.93
N GLU B 278 -12.07 -4.85 -10.63
CA GLU B 278 -12.23 -3.67 -11.46
C GLU B 278 -11.41 -2.47 -10.97
N ASP B 279 -11.21 -1.50 -11.87
CA ASP B 279 -10.50 -0.26 -11.57
C ASP B 279 -11.53 0.81 -11.15
N GLY B 280 -11.09 1.84 -10.44
CA GLY B 280 -11.96 2.96 -10.11
C GLY B 280 -11.25 4.08 -9.35
N PRO B 281 -12.03 5.00 -8.78
CA PRO B 281 -11.45 6.20 -8.17
C PRO B 281 -10.92 5.99 -6.75
N LEU B 282 -10.94 4.76 -6.24
CA LEU B 282 -10.37 4.44 -4.93
C LEU B 282 -9.40 3.25 -4.98
N GLN B 283 -8.46 3.25 -5.92
CA GLN B 283 -7.62 2.08 -6.22
C GLN B 283 -6.84 1.59 -5.03
N VAL B 284 -6.33 2.55 -4.27
CA VAL B 284 -5.51 2.29 -3.10
C VAL B 284 -6.15 1.28 -2.13
N ARG B 285 -7.46 1.17 -2.23
CA ARG B 285 -8.27 0.40 -1.29
C ARG B 285 -8.52 -1.06 -1.76
N VAL B 286 -8.17 -1.32 -3.01
CA VAL B 286 -8.38 -2.60 -3.65
C VAL B 286 -7.32 -3.59 -3.16
N TRP B 287 -7.73 -4.83 -2.90
CA TRP B 287 -6.80 -5.88 -2.51
C TRP B 287 -5.78 -6.07 -3.62
N ASN B 288 -4.52 -6.20 -3.25
CA ASN B 288 -3.47 -6.41 -4.24
C ASN B 288 -2.22 -6.86 -3.55
N PRO B 289 -1.93 -8.17 -3.60
CA PRO B 289 -0.86 -8.73 -2.83
C PRO B 289 0.48 -8.39 -3.43
N LYS B 290 0.48 -7.75 -4.59
CA LYS B 290 1.72 -7.45 -5.31
C LYS B 290 2.33 -6.16 -4.80
N ILE B 291 1.47 -5.22 -4.41
CA ILE B 291 1.86 -3.93 -3.89
C ILE B 291 1.91 -3.94 -2.36
N TYR B 292 1.00 -4.70 -1.74
CA TYR B 292 0.90 -4.69 -0.26
C TYR B 292 1.31 -5.99 0.40
N ALA B 293 2.39 -5.95 1.19
CA ALA B 293 2.82 -7.14 1.93
C ALA B 293 1.69 -7.68 2.81
N GLN B 294 0.90 -6.78 3.40
CA GLN B 294 -0.18 -7.18 4.28
C GLN B 294 -1.25 -7.98 3.54
N ASP B 295 -1.62 -7.53 2.34
CA ASP B 295 -2.52 -8.33 1.50
C ASP B 295 -1.90 -9.66 1.15
N ARG B 296 -0.62 -9.66 0.85
CA ARG B 296 0.08 -10.86 0.40
C ARG B 296 0.14 -11.93 1.48
N SER B 297 0.03 -11.51 2.73
CA SER B 297 0.11 -12.45 3.83
C SER B 297 -1.27 -13.03 4.22
N HIS B 298 -2.32 -12.68 3.49
CA HIS B 298 -3.59 -13.33 3.70
C HIS B 298 -3.41 -14.80 3.32
N ARG B 299 -3.91 -15.71 4.13
CA ARG B 299 -3.61 -17.12 3.95
CA ARG B 299 -3.62 -17.14 3.96
C ARG B 299 -4.66 -17.86 3.10
N MET B 300 -5.89 -17.36 3.10
CA MET B 300 -7.00 -17.98 2.38
C MET B 300 -7.95 -16.90 1.81
N PRO B 301 -7.48 -16.13 0.84
CA PRO B 301 -8.18 -14.91 0.45
C PRO B 301 -9.47 -15.19 -0.29
N VAL B 302 -10.54 -14.55 0.19
CA VAL B 302 -11.83 -14.55 -0.49
C VAL B 302 -12.16 -13.09 -0.71
N ILE B 303 -12.18 -12.69 -1.98
CA ILE B 303 -12.21 -11.28 -2.35
C ILE B 303 -13.62 -10.85 -2.74
N THR B 304 -14.16 -9.83 -2.07
CA THR B 304 -15.50 -9.31 -2.38
C THR B 304 -15.54 -8.81 -3.83
N PRO B 305 -16.62 -9.07 -4.56
CA PRO B 305 -16.68 -8.65 -5.96
C PRO B 305 -16.95 -7.17 -6.19
N ALA B 306 -17.70 -6.53 -5.32
CA ALA B 306 -18.09 -5.13 -5.55
C ALA B 306 -16.90 -4.19 -5.39
N TYR B 307 -16.84 -3.14 -6.21
CA TYR B 307 -15.77 -2.14 -6.10
C TYR B 307 -15.68 -1.67 -4.65
N PRO B 308 -14.55 -1.13 -4.24
CA PRO B 308 -13.32 -1.81 -3.93
C PRO B 308 -13.37 -3.25 -3.46
N SER B 309 -12.85 -4.13 -4.32
CA SER B 309 -12.59 -5.53 -3.97
C SER B 309 -11.65 -5.59 -2.78
N MET B 310 -12.11 -6.19 -1.69
CA MET B 310 -11.28 -6.34 -0.50
CA MET B 310 -11.32 -6.34 -0.47
C MET B 310 -11.28 -7.81 -0.03
N CYS B 311 -10.34 -8.16 0.86
CA CYS B 311 -10.30 -9.51 1.38
C CYS B 311 -11.19 -9.65 2.61
N ALA B 312 -12.12 -10.59 2.54
CA ALA B 312 -13.09 -10.78 3.61
C ALA B 312 -12.63 -11.83 4.61
N THR B 313 -11.43 -12.37 4.42
CA THR B 313 -10.94 -13.37 5.34
C THR B 313 -9.55 -13.06 5.88
N HIS B 314 -9.19 -11.78 5.96
CA HIS B 314 -7.87 -11.42 6.48
C HIS B 314 -7.60 -11.95 7.87
N ASN B 315 -8.66 -12.25 8.62
CA ASN B 315 -8.53 -12.72 10.00
C ASN B 315 -7.95 -14.11 10.12
N ILE B 316 -8.08 -14.91 9.07
CA ILE B 316 -7.67 -16.30 9.07
C ILE B 316 -6.20 -16.43 9.46
N THR B 317 -5.93 -17.29 10.44
CA THR B 317 -4.57 -17.47 10.98
C THR B 317 -4.02 -18.86 10.62
N GLU B 318 -2.73 -19.09 10.92
CA GLU B 318 -2.07 -20.37 10.71
C GLU B 318 -2.99 -21.49 11.16
N SER B 319 -3.44 -21.39 12.41
CA SER B 319 -4.25 -22.43 13.06
C SER B 319 -5.60 -22.63 12.39
N THR B 320 -6.38 -21.56 12.27
CA THR B 320 -7.72 -21.67 11.71
C THR B 320 -7.63 -22.21 10.29
N LYS B 321 -6.59 -21.81 9.56
CA LYS B 321 -6.34 -22.38 8.24
C LYS B 321 -6.25 -23.92 8.29
N LYS B 322 -5.39 -24.47 9.15
CA LYS B 322 -5.31 -25.93 9.35
C LYS B 322 -6.70 -26.52 9.58
N VAL B 323 -7.48 -25.85 10.42
CA VAL B 323 -8.77 -26.36 10.86
C VAL B 323 -9.79 -26.39 9.71
N ILE B 324 -9.90 -25.27 9.00
CA ILE B 324 -10.76 -25.19 7.82
C ILE B 324 -10.37 -26.26 6.82
N LEU B 325 -9.06 -26.37 6.57
CA LEU B 325 -8.56 -27.36 5.64
C LEU B 325 -8.96 -28.81 6.01
N GLN B 326 -8.74 -29.18 7.28
CA GLN B 326 -9.20 -30.47 7.83
C GLN B 326 -10.67 -30.74 7.49
N GLU B 327 -11.49 -29.73 7.73
CA GLU B 327 -12.91 -29.86 7.59
C GLU B 327 -13.31 -30.02 6.12
N PHE B 328 -12.61 -29.35 5.21
CA PHE B 328 -12.84 -29.56 3.78
C PHE B 328 -12.61 -31.01 3.44
N VAL B 329 -11.51 -31.59 3.93
CA VAL B 329 -11.22 -33.00 3.63
C VAL B 329 -12.23 -33.94 4.28
N ARG B 330 -12.76 -33.57 5.44
CA ARG B 330 -13.84 -34.38 6.04
C ARG B 330 -15.03 -34.39 5.08
N GLY B 331 -15.43 -33.21 4.61
CA GLY B 331 -16.47 -33.08 3.59
C GLY B 331 -16.24 -33.86 2.31
N VAL B 332 -14.98 -33.97 1.88
CA VAL B 332 -14.68 -34.78 0.73
C VAL B 332 -15.07 -36.23 1.02
N GLN B 333 -14.59 -36.75 2.16
CA GLN B 333 -14.84 -38.11 2.60
C GLN B 333 -16.33 -38.42 2.68
N ILE B 334 -17.07 -37.55 3.36
CA ILE B 334 -18.47 -37.83 3.61
C ILE B 334 -19.33 -37.69 2.35
N THR B 335 -19.18 -36.59 1.61
CA THR B 335 -20.00 -36.41 0.39
C THR B 335 -19.83 -37.57 -0.58
N ASN B 336 -18.57 -37.97 -0.79
CA ASN B 336 -18.26 -39.08 -1.68
C ASN B 336 -19.01 -40.34 -1.25
N ASP B 337 -19.03 -40.59 0.07
CA ASP B 337 -19.78 -41.71 0.61
C ASP B 337 -21.29 -41.57 0.38
N ILE B 338 -21.82 -40.35 0.52
CA ILE B 338 -23.23 -40.08 0.24
C ILE B 338 -23.56 -40.32 -1.23
N PHE B 339 -22.63 -40.01 -2.14
CA PHE B 339 -22.84 -40.19 -3.58
C PHE B 339 -22.70 -41.66 -3.98
N SER B 340 -22.16 -42.46 -3.07
CA SER B 340 -22.08 -43.90 -3.27
C SER B 340 -22.98 -44.68 -2.31
N ASN B 341 -23.85 -43.97 -1.60
CA ASN B 341 -24.89 -44.58 -0.72
C ASN B 341 -24.32 -45.29 0.52
N LYS B 342 -23.13 -44.86 0.92
CA LYS B 342 -22.41 -45.46 2.04
C LYS B 342 -22.85 -44.73 3.30
N LYS B 343 -23.16 -43.44 3.13
CA LYS B 343 -23.50 -42.52 4.22
C LYS B 343 -24.66 -41.57 3.90
N SER B 344 -24.86 -40.57 4.76
CA SER B 344 -26.06 -39.73 4.74
C SER B 344 -25.71 -38.25 4.95
N TRP B 345 -26.64 -37.38 4.59
CA TRP B 345 -26.46 -35.96 4.80
C TRP B 345 -26.36 -35.62 6.28
N ALA B 346 -27.18 -36.27 7.09
CA ALA B 346 -27.08 -36.18 8.56
C ALA B 346 -25.63 -36.24 9.10
N ASN B 347 -24.84 -37.17 8.56
CA ASN B 347 -23.43 -37.36 8.94
C ASN B 347 -22.55 -36.13 8.73
N LEU B 348 -22.71 -35.46 7.58
CA LEU B 348 -21.92 -34.29 7.25
C LEU B 348 -22.11 -33.20 8.28
N PHE B 349 -23.35 -33.11 8.78
CA PHE B 349 -23.76 -32.06 9.70
C PHE B 349 -23.55 -32.40 11.18
N GLU B 350 -22.89 -33.52 11.45
CA GLU B 350 -22.69 -33.95 12.84
C GLU B 350 -21.85 -32.94 13.60
N LYS B 351 -22.35 -32.56 14.77
CA LYS B 351 -21.67 -31.65 15.67
C LYS B 351 -20.19 -32.00 15.80
N ASN B 352 -19.36 -30.96 15.84
CA ASN B 352 -17.92 -31.09 16.07
C ASN B 352 -17.70 -31.65 17.46
N ASP B 353 -16.46 -32.04 17.72
CA ASP B 353 -16.07 -32.60 19.03
C ASP B 353 -14.90 -31.86 19.67
N PHE B 354 -14.93 -30.54 19.54
CA PHE B 354 -13.88 -29.64 20.00
C PHE B 354 -13.40 -29.95 21.40
N PHE B 355 -14.33 -30.21 22.32
CA PHE B 355 -13.95 -30.32 23.72
C PHE B 355 -13.41 -31.69 24.12
N PHE B 356 -13.40 -32.61 23.15
CA PHE B 356 -12.85 -33.94 23.30
C PHE B 356 -11.51 -34.14 22.59
N ARG B 357 -11.25 -33.35 21.54
CA ARG B 357 -10.09 -33.65 20.68
C ARG B 357 -8.74 -33.01 21.10
N TYR B 358 -8.77 -32.15 22.10
CA TYR B 358 -7.54 -31.67 22.73
C TYR B 358 -7.48 -32.11 24.20
N LYS B 359 -6.27 -32.22 24.72
CA LYS B 359 -6.07 -32.52 26.13
C LYS B 359 -5.84 -31.24 26.94
N PHE B 360 -5.64 -30.12 26.24
CA PHE B 360 -5.33 -28.83 26.88
C PHE B 360 -6.10 -27.68 26.27
N TYR B 361 -6.57 -26.78 27.14
CA TYR B 361 -7.39 -25.66 26.73
C TYR B 361 -7.03 -24.40 27.53
N LEU B 362 -6.90 -23.29 26.82
CA LEU B 362 -6.77 -22.00 27.48
C LEU B 362 -8.11 -21.28 27.42
N GLU B 363 -8.60 -20.91 28.59
CA GLU B 363 -9.88 -20.22 28.64
C GLU B 363 -9.68 -18.79 29.07
N ILE B 364 -10.35 -17.88 28.36
CA ILE B 364 -10.23 -16.46 28.64
C ILE B 364 -11.59 -16.03 29.13
N THR B 365 -11.65 -15.49 30.35
CA THR B 365 -12.93 -15.08 30.93
C THR B 365 -13.05 -13.59 31.26
N ALA B 366 -14.13 -13.00 30.76
CA ALA B 366 -14.47 -11.61 31.06
C ALA B 366 -15.60 -11.60 32.09
N TYR B 367 -15.41 -10.85 33.17
CA TYR B 367 -16.41 -10.82 34.23
C TYR B 367 -16.97 -9.42 34.42
N THR B 368 -18.27 -9.31 34.66
CA THR B 368 -18.86 -8.01 35.01
C THR B 368 -19.82 -8.11 36.19
N ARG B 369 -19.44 -7.54 37.32
CA ARG B 369 -20.40 -7.28 38.37
C ARG B 369 -20.94 -5.88 38.10
N GLY B 370 -22.06 -5.82 37.39
CA GLY B 370 -22.56 -4.56 36.85
C GLY B 370 -23.83 -4.75 36.05
N SER B 371 -23.98 -4.00 34.97
CA SER B 371 -25.19 -4.08 34.16
C SER B 371 -24.99 -4.89 32.86
N ASP B 372 -26.13 -5.23 32.23
CA ASP B 372 -26.12 -5.98 30.98
CA ASP B 372 -26.10 -5.99 30.98
C ASP B 372 -25.26 -5.32 29.88
N GLU B 373 -25.38 -4.00 29.76
CA GLU B 373 -24.62 -3.30 28.71
C GLU B 373 -23.17 -3.00 29.11
N GLN B 374 -22.91 -2.82 30.40
CA GLN B 374 -21.54 -2.84 30.88
C GLN B 374 -20.85 -4.14 30.39
N HIS B 375 -21.49 -5.30 30.60
CA HIS B 375 -20.90 -6.57 30.18
C HIS B 375 -20.80 -6.73 28.66
N LEU B 376 -21.80 -6.22 27.94
CA LEU B 376 -21.79 -6.23 26.48
C LEU B 376 -20.51 -5.63 25.95
N LYS B 377 -20.22 -4.41 26.39
CA LYS B 377 -19.05 -3.68 25.96
C LYS B 377 -17.77 -4.38 26.42
N TRP B 378 -17.74 -4.80 27.67
CA TRP B 378 -16.50 -5.30 28.24
C TRP B 378 -16.10 -6.65 27.68
N SER B 379 -17.07 -7.56 27.57
CA SER B 379 -16.83 -8.86 27.00
C SER B 379 -16.59 -8.67 25.51
N GLY B 380 -17.33 -7.73 24.92
CA GLY B 380 -17.14 -7.39 23.50
C GLY B 380 -15.69 -7.06 23.20
N LEU B 381 -15.11 -6.19 24.00
CA LEU B 381 -13.73 -5.79 23.84
C LEU B 381 -12.78 -6.98 23.90
N VAL B 382 -12.94 -7.81 24.94
CA VAL B 382 -12.04 -8.91 25.23
C VAL B 382 -12.12 -9.93 24.10
N GLU B 383 -13.36 -10.25 23.72
CA GLU B 383 -13.65 -11.13 22.64
C GLU B 383 -12.95 -10.69 21.35
N SER B 384 -12.87 -9.38 21.13
CA SER B 384 -12.26 -8.87 19.88
C SER B 384 -10.73 -8.99 19.84
N LYS B 385 -10.12 -9.31 20.98
CA LYS B 385 -8.69 -9.45 21.07
C LYS B 385 -8.22 -10.90 21.06
N VAL B 386 -9.15 -11.84 21.24
CA VAL B 386 -8.79 -13.25 21.40
C VAL B 386 -7.97 -13.78 20.22
N ARG B 387 -8.40 -13.44 19.02
CA ARG B 387 -7.76 -13.83 17.77
C ARG B 387 -6.28 -13.46 17.77
N LEU B 388 -5.97 -12.34 18.44
CA LEU B 388 -4.61 -11.85 18.48
C LEU B 388 -3.78 -12.78 19.35
N LEU B 389 -4.38 -13.29 20.43
CA LEU B 389 -3.70 -14.26 21.28
C LEU B 389 -3.36 -15.55 20.51
N VAL B 390 -4.31 -15.99 19.68
CA VAL B 390 -4.08 -17.11 18.77
C VAL B 390 -2.78 -16.85 18.01
N MET B 391 -2.73 -15.73 17.30
CA MET B 391 -1.55 -15.37 16.51
C MET B 391 -0.25 -15.34 17.33
N LYS B 392 -0.32 -14.71 18.49
CA LYS B 392 0.84 -14.61 19.37
C LYS B 392 1.32 -15.98 19.81
N LEU B 393 0.36 -16.85 20.13
CA LEU B 393 0.64 -18.21 20.59
C LEU B 393 1.18 -19.09 19.49
N GLU B 394 0.53 -19.05 18.32
CA GLU B 394 0.76 -20.05 17.28
C GLU B 394 2.13 -19.96 16.60
N VAL B 395 2.77 -18.79 16.69
CA VAL B 395 4.08 -18.57 16.09
C VAL B 395 5.20 -19.14 16.96
N LEU B 396 4.85 -19.55 18.18
CA LEU B 396 5.82 -20.08 19.12
C LEU B 396 6.32 -21.48 18.80
N ALA B 397 7.63 -21.66 18.88
CA ALA B 397 8.22 -22.99 18.94
C ALA B 397 7.68 -23.66 20.19
N GLY B 398 7.06 -24.82 20.00
CA GLY B 398 6.39 -25.47 21.11
C GLY B 398 4.89 -25.57 20.90
N ILE B 399 4.28 -24.51 20.38
CA ILE B 399 2.87 -24.55 20.04
C ILE B 399 2.67 -25.13 18.64
N LYS B 400 1.98 -26.27 18.58
CA LYS B 400 1.65 -26.94 17.33
C LYS B 400 0.38 -26.35 16.75
N ILE B 401 -0.56 -26.00 17.63
CA ILE B 401 -1.79 -25.30 17.23
C ILE B 401 -2.41 -24.58 18.44
N ALA B 402 -2.98 -23.40 18.18
CA ALA B 402 -3.89 -22.73 19.13
C ALA B 402 -5.23 -22.56 18.42
N HIS B 403 -6.19 -23.41 18.76
CA HIS B 403 -7.46 -23.54 18.03
C HIS B 403 -8.63 -22.85 18.76
N PRO B 404 -9.06 -21.67 18.33
CA PRO B 404 -10.17 -21.00 19.01
C PRO B 404 -11.51 -21.66 18.69
N PHE B 405 -12.35 -21.82 19.70
CA PHE B 405 -13.73 -22.27 19.45
C PHE B 405 -14.51 -21.08 18.88
N THR B 406 -15.71 -21.30 18.37
CA THR B 406 -16.38 -20.26 17.60
C THR B 406 -17.43 -19.49 18.37
N LYS B 407 -17.63 -19.85 19.63
CA LYS B 407 -18.70 -19.27 20.43
C LYS B 407 -18.24 -19.08 21.86
N PRO B 408 -18.53 -17.92 22.43
CA PRO B 408 -18.25 -17.69 23.84
C PRO B 408 -19.27 -18.44 24.67
N PHE B 409 -18.88 -18.83 25.88
CA PHE B 409 -19.77 -19.46 26.81
C PHE B 409 -20.21 -18.44 27.85
N GLU B 410 -21.53 -18.27 27.96
CA GLU B 410 -22.06 -17.17 28.74
C GLU B 410 -22.98 -17.60 29.84
N SER B 411 -22.78 -16.99 31.00
CA SER B 411 -23.66 -17.20 32.12
C SER B 411 -23.63 -16.00 33.08
N SER B 412 -24.63 -15.92 33.92
CA SER B 412 -24.67 -14.91 34.95
C SER B 412 -25.27 -15.48 36.21
N TYR B 413 -24.88 -14.91 37.34
CA TYR B 413 -25.45 -15.29 38.61
C TYR B 413 -26.02 -14.06 39.28
N CYS B 414 -27.01 -14.25 40.13
CA CYS B 414 -27.38 -13.25 41.09
C CYS B 414 -26.19 -13.04 42.01
N CYS B 415 -25.77 -11.79 42.17
CA CYS B 415 -24.60 -11.51 42.96
C CYS B 415 -24.84 -10.33 43.91
N PRO B 416 -25.33 -10.61 45.11
CA PRO B 416 -25.48 -9.58 46.15
C PRO B 416 -24.17 -8.96 46.66
N THR B 417 -23.22 -9.76 47.14
CA THR B 417 -22.03 -9.23 47.80
C THR B 417 -20.79 -9.17 46.91
N GLU B 418 -19.83 -8.31 47.30
CA GLU B 418 -18.49 -8.35 46.71
C GLU B 418 -17.86 -9.74 46.91
N ASP B 419 -18.04 -10.25 48.13
CA ASP B 419 -17.58 -11.58 48.50
C ASP B 419 -17.98 -12.63 47.44
N ASP B 420 -19.22 -12.56 46.96
CA ASP B 420 -19.75 -13.52 45.97
C ASP B 420 -19.05 -13.40 44.63
N TYR B 421 -18.94 -12.16 44.14
CA TYR B 421 -18.26 -11.86 42.89
C TYR B 421 -16.84 -12.42 42.91
N GLU B 422 -16.20 -12.31 44.06
CA GLU B 422 -14.86 -12.84 44.21
C GLU B 422 -14.81 -14.37 44.16
N MET B 423 -15.73 -15.04 44.86
CA MET B 423 -15.73 -16.50 44.83
C MET B 423 -16.10 -17.04 43.45
N ILE B 424 -16.94 -16.32 42.71
CA ILE B 424 -17.23 -16.64 41.31
C ILE B 424 -15.94 -16.70 40.48
N GLN B 425 -15.10 -15.68 40.62
CA GLN B 425 -13.84 -15.58 39.89
C GLN B 425 -12.91 -16.67 40.32
N ASP B 426 -12.82 -16.89 41.64
CA ASP B 426 -12.01 -17.98 42.16
C ASP B 426 -12.49 -19.33 41.63
N LYS B 427 -13.77 -19.61 41.81
CA LYS B 427 -14.29 -20.95 41.60
C LYS B 427 -14.68 -21.30 40.17
N TYR B 428 -15.03 -20.30 39.36
CA TYR B 428 -15.40 -20.56 37.98
C TYR B 428 -14.19 -21.12 37.23
N GLY B 429 -14.44 -21.92 36.19
CA GLY B 429 -13.39 -22.32 35.25
C GLY B 429 -12.94 -23.77 35.27
N SER B 430 -12.94 -24.38 36.46
CA SER B 430 -12.47 -25.75 36.64
C SER B 430 -13.61 -26.63 37.11
N HIS B 431 -13.69 -27.85 36.59
CA HIS B 431 -14.71 -28.79 37.04
C HIS B 431 -14.49 -29.28 38.48
N LYS B 432 -13.25 -29.20 38.95
CA LYS B 432 -12.95 -29.48 40.39
C LYS B 432 -13.73 -28.51 41.27
N THR B 433 -13.74 -27.22 40.88
CA THR B 433 -14.26 -26.15 41.76
C THR B 433 -15.65 -25.57 41.42
N GLU B 434 -16.08 -25.68 40.16
CA GLU B 434 -17.27 -25.00 39.67
C GLU B 434 -18.55 -25.32 40.44
N THR B 435 -18.49 -26.37 41.26
CA THR B 435 -19.62 -26.82 42.06
C THR B 435 -19.99 -25.78 43.12
N ALA B 436 -19.00 -25.01 43.59
CA ALA B 436 -19.23 -24.01 44.62
C ALA B 436 -20.18 -22.91 44.11
N LEU B 437 -20.27 -22.77 42.79
CA LEU B 437 -21.21 -21.84 42.17
C LEU B 437 -22.70 -22.16 42.44
N ASN B 438 -23.00 -23.40 42.84
CA ASN B 438 -24.36 -23.76 43.20
C ASN B 438 -24.89 -22.99 44.42
N ALA B 439 -23.99 -22.41 45.21
CA ALA B 439 -24.40 -21.54 46.33
C ALA B 439 -25.12 -20.26 45.87
N LEU B 440 -24.88 -19.84 44.64
CA LEU B 440 -25.57 -18.69 44.05
C LEU B 440 -26.61 -19.12 43.02
N LYS B 441 -27.58 -18.24 42.76
CA LYS B 441 -28.65 -18.55 41.82
C LYS B 441 -28.21 -18.23 40.39
N LEU B 442 -28.19 -19.27 39.54
CA LEU B 442 -27.80 -19.15 38.15
C LEU B 442 -28.99 -18.76 37.27
N VAL B 443 -28.79 -17.81 36.36
CA VAL B 443 -29.86 -17.32 35.50
C VAL B 443 -30.02 -18.24 34.29
N THR B 444 -31.22 -18.79 34.13
CA THR B 444 -31.48 -19.90 33.20
C THR B 444 -32.46 -19.48 32.13
N ASP B 445 -32.83 -20.44 31.29
CA ASP B 445 -33.91 -20.26 30.34
C ASP B 445 -35.25 -20.16 31.05
N GLU B 446 -35.43 -20.92 32.13
CA GLU B 446 -36.72 -20.94 32.85
C GLU B 446 -36.94 -19.73 33.75
N ASN B 447 -35.89 -19.36 34.49
CA ASN B 447 -36.04 -18.39 35.58
C ASN B 447 -35.68 -16.93 35.23
N LYS B 448 -35.13 -16.72 34.02
CA LYS B 448 -34.70 -15.38 33.57
C LYS B 448 -35.82 -14.35 33.61
N GLU B 449 -37.06 -14.86 33.71
CA GLU B 449 -38.27 -14.05 33.62
C GLU B 449 -38.94 -13.85 34.96
N GLU B 450 -38.43 -14.53 35.99
CA GLU B 450 -38.99 -14.43 37.34
C GLU B 450 -38.67 -13.09 38.00
N GLU B 451 -39.63 -12.65 38.82
CA GLU B 451 -39.55 -11.43 39.63
C GLU B 451 -38.19 -11.28 40.32
N SER B 452 -37.94 -12.14 41.31
CA SER B 452 -36.79 -12.01 42.20
C SER B 452 -35.45 -12.27 41.51
N ILE B 453 -35.52 -12.62 40.21
CA ILE B 453 -34.32 -12.82 39.41
C ILE B 453 -34.15 -11.72 38.38
N LYS B 454 -35.18 -11.45 37.60
CA LYS B 454 -35.12 -10.38 36.58
C LYS B 454 -34.58 -9.08 37.19
N ASP B 455 -35.01 -8.79 38.42
CA ASP B 455 -34.63 -7.56 39.11
C ASP B 455 -33.29 -7.60 39.86
N ALA B 456 -32.84 -8.78 40.27
CA ALA B 456 -31.64 -8.90 41.11
C ALA B 456 -30.33 -8.50 40.41
N PRO B 457 -29.45 -7.80 41.13
CA PRO B 457 -28.10 -7.51 40.64
C PRO B 457 -27.38 -8.77 40.23
N LYS B 458 -26.71 -8.72 39.08
CA LYS B 458 -26.11 -9.92 38.51
C LYS B 458 -24.62 -9.76 38.25
N ALA B 459 -23.93 -10.89 38.14
CA ALA B 459 -22.55 -10.90 37.64
C ALA B 459 -22.51 -11.74 36.38
N TYR B 460 -21.87 -11.21 35.37
CA TYR B 460 -21.90 -11.84 34.06
C TYR B 460 -20.53 -12.46 33.75
N LEU B 461 -20.55 -13.57 33.00
CA LEU B 461 -19.34 -14.29 32.58
C LEU B 461 -19.39 -14.48 31.07
N SER B 462 -18.25 -14.28 30.41
CA SER B 462 -18.09 -14.65 29.02
C SER B 462 -16.72 -15.29 28.84
N THR B 463 -16.72 -16.58 28.46
CA THR B 463 -15.50 -17.35 28.33
C THR B 463 -15.27 -17.85 26.91
N MET B 464 -14.07 -17.62 26.41
CA MET B 464 -13.67 -18.25 25.17
C MET B 464 -12.61 -19.31 25.41
N TYR B 465 -12.59 -20.30 24.53
CA TYR B 465 -11.65 -21.40 24.65
C TYR B 465 -10.70 -21.42 23.49
N ILE B 466 -9.41 -21.46 23.81
CA ILE B 466 -8.40 -21.86 22.82
C ILE B 466 -7.89 -23.24 23.22
N GLY B 467 -8.09 -24.20 22.34
CA GLY B 467 -7.52 -25.53 22.51
C GLY B 467 -6.07 -25.56 22.07
N LEU B 468 -5.22 -26.15 22.91
CA LEU B 468 -3.80 -26.21 22.62
C LEU B 468 -3.30 -27.62 22.37
N ASP B 469 -2.27 -27.71 21.53
CA ASP B 469 -1.63 -28.93 21.15
C ASP B 469 -0.13 -28.58 21.06
N PHE B 470 0.75 -29.50 21.44
CA PHE B 470 2.17 -29.18 21.63
C PHE B 470 3.20 -29.96 20.83
N ASN B 471 4.23 -29.26 20.37
CA ASN B 471 5.48 -29.85 19.89
C ASN B 471 6.29 -30.27 21.14
N ILE B 472 6.29 -31.55 21.50
CA ILE B 472 6.95 -31.90 22.77
C ILE B 472 8.48 -32.09 22.78
N GLU B 473 9.18 -31.04 22.30
CA GLU B 473 10.60 -30.73 22.63
C GLU B 473 11.57 -31.91 22.64
N ASN B 474 12.32 -32.01 23.74
CA ASN B 474 13.01 -33.24 24.12
C ASN B 474 12.24 -33.84 25.31
N LYS B 475 12.94 -34.17 26.39
CA LYS B 475 12.32 -34.78 27.59
C LYS B 475 11.17 -33.94 28.17
N LYS B 476 10.48 -34.48 29.18
CA LYS B 476 9.36 -33.79 29.82
C LYS B 476 9.84 -32.47 30.42
N GLU B 477 9.49 -31.37 29.75
CA GLU B 477 10.02 -30.05 30.09
C GLU B 477 8.86 -29.06 30.27
N LYS B 478 9.12 -27.99 31.03
CA LYS B 478 8.17 -26.91 31.22
C LYS B 478 8.06 -26.09 29.94
N VAL B 479 6.84 -25.74 29.53
CA VAL B 479 6.67 -24.81 28.42
C VAL B 479 6.01 -23.50 28.89
N ASP B 480 6.71 -22.39 28.63
CA ASP B 480 6.34 -21.08 29.16
C ASP B 480 5.64 -20.16 28.14
N ILE B 481 4.33 -20.01 28.28
CA ILE B 481 3.59 -19.11 27.42
C ILE B 481 3.07 -17.90 28.19
N HIS B 482 3.85 -17.38 29.13
CA HIS B 482 3.34 -16.31 29.96
C HIS B 482 3.30 -14.95 29.27
N ILE B 483 4.34 -14.59 28.51
CA ILE B 483 4.40 -13.28 27.84
C ILE B 483 3.22 -13.03 26.92
N PRO B 484 2.96 -13.93 25.96
CA PRO B 484 1.83 -13.77 25.06
C PRO B 484 0.49 -13.64 25.79
N CYS B 485 0.39 -14.22 26.99
CA CYS B 485 -0.82 -14.13 27.80
C CYS B 485 -0.96 -12.78 28.47
N THR B 486 0.14 -12.24 28.95
CA THR B 486 0.10 -10.91 29.54
C THR B 486 -0.01 -9.84 28.45
N GLU B 487 0.66 -10.05 27.32
CA GLU B 487 0.53 -9.13 26.17
C GLU B 487 -0.92 -9.06 25.70
N PHE B 488 -1.60 -10.20 25.66
CA PHE B 488 -3.02 -10.24 25.40
C PHE B 488 -3.79 -9.39 26.41
N VAL B 489 -3.48 -9.55 27.71
CA VAL B 489 -4.16 -8.79 28.77
C VAL B 489 -4.02 -7.28 28.53
N ASN B 490 -2.79 -6.84 28.28
CA ASN B 490 -2.50 -5.43 28.02
C ASN B 490 -3.24 -4.87 26.80
N LEU B 491 -3.61 -5.77 25.89
CA LEU B 491 -4.36 -5.42 24.67
C LEU B 491 -5.86 -5.25 24.95
N CYS B 492 -6.31 -5.73 26.11
CA CYS B 492 -7.73 -5.63 26.48
C CYS B 492 -8.02 -4.29 27.18
N ARG B 493 -7.91 -3.21 26.41
CA ARG B 493 -8.08 -1.87 26.94
C ARG B 493 -8.79 -0.95 25.96
N SER B 494 -9.34 0.13 26.51
CA SER B 494 -9.93 1.20 25.71
C SER B 494 -9.57 2.52 26.35
N PHE B 495 -9.21 3.50 25.52
CA PHE B 495 -8.82 4.82 25.99
C PHE B 495 -10.03 5.72 26.21
N ASN B 496 -11.15 5.33 25.60
CA ASN B 496 -12.40 6.05 25.71
C ASN B 496 -13.44 5.33 26.57
N GLU B 497 -13.00 4.28 27.27
CA GLU B 497 -13.84 3.55 28.21
C GLU B 497 -13.06 2.88 29.33
N ASP B 498 -13.20 3.45 30.53
CA ASP B 498 -12.54 2.97 31.72
C ASP B 498 -13.10 1.62 32.19
N TYR B 499 -12.27 0.58 32.10
CA TYR B 499 -12.59 -0.71 32.68
C TYR B 499 -11.70 -0.97 33.90
N GLY B 500 -11.32 0.12 34.57
CA GLY B 500 -10.39 0.08 35.70
C GLY B 500 -10.98 -0.38 37.02
N ASP B 501 -12.26 -0.08 37.24
CA ASP B 501 -12.95 -0.44 38.46
C ASP B 501 -13.12 -1.95 38.56
N HIS B 502 -12.25 -2.60 39.32
CA HIS B 502 -12.28 -4.07 39.42
C HIS B 502 -13.36 -4.59 40.36
N LYS B 503 -13.96 -3.68 41.14
CA LYS B 503 -15.22 -3.93 41.81
C LYS B 503 -16.36 -4.12 40.81
N VAL B 504 -16.06 -3.95 39.52
CA VAL B 504 -17.00 -4.12 38.41
C VAL B 504 -16.41 -5.07 37.34
N PHE B 505 -15.36 -4.64 36.65
CA PHE B 505 -14.80 -5.40 35.53
C PHE B 505 -13.57 -6.26 35.89
N ASN B 506 -13.56 -7.49 35.37
CA ASN B 506 -12.41 -8.39 35.55
C ASN B 506 -12.16 -9.28 34.36
N LEU B 507 -10.90 -9.67 34.19
CA LEU B 507 -10.47 -10.59 33.15
C LEU B 507 -9.52 -11.63 33.75
N ALA B 508 -9.74 -12.89 33.38
CA ALA B 508 -8.94 -14.04 33.86
C ALA B 508 -8.66 -15.06 32.73
N LEU B 509 -7.53 -15.75 32.86
CA LEU B 509 -7.16 -16.82 31.95
C LEU B 509 -6.78 -18.07 32.73
N ARG B 510 -7.21 -19.22 32.23
CA ARG B 510 -6.85 -20.51 32.85
C ARG B 510 -6.32 -21.48 31.84
N PHE B 511 -5.33 -22.26 32.26
CA PHE B 511 -4.91 -23.43 31.54
C PHE B 511 -5.54 -24.64 32.23
N VAL B 512 -6.41 -25.31 31.49
CA VAL B 512 -7.22 -26.36 32.07
C VAL B 512 -7.09 -27.61 31.21
N LYS B 513 -6.89 -28.75 31.86
CA LYS B 513 -6.80 -30.02 31.14
C LYS B 513 -8.20 -30.47 30.72
N GLY B 514 -8.27 -31.13 29.57
CA GLY B 514 -9.52 -31.70 29.04
C GLY B 514 -10.52 -32.19 30.06
N TYR B 515 -10.14 -33.22 30.83
CA TYR B 515 -11.04 -33.81 31.84
C TYR B 515 -11.60 -32.81 32.85
N ASP B 516 -10.93 -31.66 32.98
CA ASP B 516 -11.30 -30.67 33.98
C ASP B 516 -12.07 -29.47 33.40
N LEU B 517 -12.53 -29.60 32.15
CA LEU B 517 -13.33 -28.53 31.54
C LEU B 517 -14.69 -28.38 32.24
N PRO B 518 -15.18 -27.13 32.36
CA PRO B 518 -16.50 -26.85 32.93
C PRO B 518 -17.61 -27.62 32.23
N ASP B 519 -18.57 -28.13 33.00
CA ASP B 519 -19.75 -28.83 32.46
C ASP B 519 -20.39 -28.18 31.26
N GLU B 520 -20.53 -26.85 31.33
CA GLU B 520 -21.21 -26.07 30.31
C GLU B 520 -20.80 -26.42 28.87
N VAL B 521 -19.56 -26.87 28.67
CA VAL B 521 -19.05 -27.13 27.32
C VAL B 521 -19.48 -28.45 26.70
N PHE B 522 -20.01 -29.36 27.53
CA PHE B 522 -20.58 -30.62 27.07
C PHE B 522 -22.09 -30.53 27.14
N ASP B 523 -22.77 -30.89 26.07
CA ASP B 523 -24.23 -30.81 26.06
C ASP B 523 -24.89 -32.02 26.75
N GLU B 524 -26.22 -32.14 26.65
CA GLU B 524 -26.96 -33.21 27.34
C GLU B 524 -26.55 -34.63 26.93
N ASN B 525 -26.07 -34.79 25.70
CA ASN B 525 -25.68 -36.11 25.16
C ASN B 525 -24.37 -36.62 25.74
N GLU B 526 -23.37 -35.74 25.69
CA GLU B 526 -21.97 -36.12 25.84
C GLU B 526 -21.59 -36.46 27.28
N LYS B 527 -20.91 -37.58 27.47
CA LYS B 527 -20.20 -37.84 28.72
C LYS B 527 -18.94 -36.97 28.67
N ARG B 528 -18.34 -36.69 29.82
CA ARG B 528 -17.10 -35.90 29.85
C ARG B 528 -15.87 -36.81 29.87
N PRO B 529 -14.75 -36.37 29.30
CA PRO B 529 -13.49 -37.13 29.31
C PRO B 529 -12.99 -37.48 30.73
N SER B 530 -12.25 -38.59 30.85
CA SER B 530 -12.08 -39.30 32.14
C SER B 530 -10.79 -39.06 32.96
N LYS B 531 -9.95 -40.10 33.07
CA LYS B 531 -8.79 -40.13 33.98
C LYS B 531 -7.77 -39.00 33.73
N ASP C 1 -0.62 39.60 -30.10
CA ASP C 1 0.15 40.21 -28.81
C ASP C 1 -0.67 39.88 -27.56
N LEU C 2 -0.29 38.79 -26.89
CA LEU C 2 -0.97 38.34 -25.66
C LEU C 2 -0.34 39.03 -24.46
N GLU C 3 -1.18 39.52 -23.54
CA GLU C 3 -0.67 40.09 -22.29
C GLU C 3 -0.56 39.04 -21.18
N VAL C 4 0.60 38.93 -20.57
CA VAL C 4 0.79 38.03 -19.43
C VAL C 4 1.48 38.77 -18.29
N ILE C 5 0.81 38.81 -17.14
CA ILE C 5 1.36 39.44 -15.94
C ILE C 5 2.07 38.42 -15.06
N ILE C 6 3.36 38.64 -14.82
CA ILE C 6 4.12 37.83 -13.85
C ILE C 6 4.53 38.62 -12.62
N SER C 7 4.59 39.94 -12.74
CA SER C 7 4.79 40.79 -11.57
C SER C 7 3.94 42.04 -11.64
N LEU C 8 3.91 42.75 -10.53
CA LEU C 8 3.21 44.03 -10.39
C LEU C 8 4.15 45.24 -10.56
N GLY C 9 5.37 44.99 -11.04
CA GLY C 9 6.34 46.05 -11.29
C GLY C 9 5.99 46.93 -12.47
N PRO C 10 6.83 47.91 -12.78
CA PRO C 10 6.62 48.74 -13.98
C PRO C 10 6.57 47.91 -15.29
N ASP C 11 7.34 46.83 -15.36
CA ASP C 11 7.28 45.88 -16.50
C ASP C 11 6.61 44.58 -16.04
N PRO C 12 5.36 44.36 -16.43
CA PRO C 12 4.62 43.18 -15.97
C PRO C 12 5.22 41.84 -16.42
N THR C 13 6.19 41.87 -17.35
CA THR C 13 6.82 40.63 -17.82
C THR C 13 8.16 40.33 -17.14
N ARG C 14 8.45 41.08 -16.07
CA ARG C 14 9.74 41.00 -15.36
C ARG C 14 9.53 41.09 -13.84
N LEU C 15 10.11 40.13 -13.12
CA LEU C 15 10.03 40.06 -11.69
C LEU C 15 11.46 39.91 -11.17
N ASP C 16 11.91 40.94 -10.48
CA ASP C 16 13.22 40.97 -9.88
C ASP C 16 13.01 40.83 -8.38
N ALA C 17 13.60 39.81 -7.79
CA ALA C 17 13.22 39.41 -6.45
C ALA C 17 13.42 40.51 -5.38
N LYS C 18 14.47 41.32 -5.53
CA LYS C 18 14.81 42.30 -4.52
C LYS C 18 13.87 43.49 -4.55
N LEU C 19 13.17 43.65 -5.67
CA LEU C 19 12.21 44.74 -5.82
C LEU C 19 10.79 44.32 -5.43
N LEU C 20 10.59 43.01 -5.25
CA LEU C 20 9.28 42.44 -4.89
C LEU C 20 8.46 43.30 -3.89
N ASP C 21 9.08 43.69 -2.78
CA ASP C 21 8.35 44.46 -1.76
C ASP C 21 8.00 45.90 -2.17
N SER C 22 8.65 46.41 -3.22
CA SER C 22 8.41 47.77 -3.69
C SER C 22 7.32 47.83 -4.76
N TYR C 23 6.90 46.67 -5.26
CA TYR C 23 5.87 46.63 -6.28
C TYR C 23 4.47 46.88 -5.71
N SER C 24 3.82 45.80 -5.26
CA SER C 24 2.39 45.72 -4.91
C SER C 24 1.58 47.04 -4.83
N ASP D 1 0.44 -34.45 29.23
CA ASP D 1 0.92 -34.40 30.63
C ASP D 1 2.27 -33.65 30.78
N LEU D 2 2.19 -32.32 30.78
CA LEU D 2 3.35 -31.43 30.92
C LEU D 2 3.04 -30.28 31.88
N GLU D 3 4.06 -29.50 32.22
CA GLU D 3 3.85 -28.24 32.93
C GLU D 3 3.77 -27.08 31.95
N VAL D 4 2.70 -26.29 32.08
CA VAL D 4 2.48 -25.12 31.23
C VAL D 4 2.26 -23.90 32.13
N ILE D 5 2.97 -22.81 31.83
CA ILE D 5 2.93 -21.60 32.66
C ILE D 5 2.30 -20.45 31.88
N ILE D 6 1.16 -19.96 32.38
CA ILE D 6 0.52 -18.81 31.73
C ILE D 6 0.76 -17.51 32.48
N SER D 7 1.13 -17.62 33.76
CA SER D 7 1.47 -16.45 34.57
C SER D 7 2.63 -16.70 35.53
N LEU D 8 3.21 -15.61 36.02
CA LEU D 8 4.21 -15.68 37.08
C LEU D 8 3.56 -15.72 38.48
N GLY D 9 2.24 -15.84 38.50
CA GLY D 9 1.43 -15.86 39.74
C GLY D 9 1.54 -17.11 40.59
N PRO D 10 0.92 -17.09 41.78
CA PRO D 10 1.08 -18.18 42.75
C PRO D 10 0.46 -19.47 42.23
N ASP D 11 -0.62 -19.34 41.45
CA ASP D 11 -1.13 -20.43 40.64
C ASP D 11 -0.67 -20.17 39.21
N PRO D 12 0.29 -20.96 38.72
CA PRO D 12 0.89 -20.73 37.40
C PRO D 12 -0.06 -21.01 36.24
N THR D 13 -1.10 -21.81 36.46
CA THR D 13 -2.08 -22.07 35.39
C THR D 13 -3.16 -21.00 35.36
N ARG D 14 -3.13 -20.10 36.35
CA ARG D 14 -4.13 -19.02 36.44
C ARG D 14 -3.52 -17.62 36.33
N LEU D 15 -4.14 -16.78 35.50
CA LEU D 15 -3.73 -15.38 35.29
C LEU D 15 -4.92 -14.44 35.52
N ASP D 16 -4.83 -13.71 36.61
CA ASP D 16 -5.82 -12.71 36.99
C ASP D 16 -5.24 -11.34 36.64
N ALA D 17 -5.99 -10.57 35.85
CA ALA D 17 -5.52 -9.29 35.31
C ALA D 17 -5.27 -8.23 36.38
N LYS D 18 -6.22 -8.06 37.31
CA LYS D 18 -6.10 -7.06 38.36
C LYS D 18 -4.80 -7.21 39.17
N LEU D 19 -4.20 -8.41 39.12
CA LEU D 19 -3.02 -8.73 39.90
C LEU D 19 -1.73 -8.89 39.09
N LEU D 20 -1.78 -8.56 37.80
CA LEU D 20 -0.69 -8.84 36.86
C LEU D 20 0.68 -8.29 37.27
N ASP D 21 0.72 -7.02 37.63
CA ASP D 21 1.97 -6.38 38.03
C ASP D 21 2.43 -6.77 39.44
N SER D 22 1.47 -7.17 40.27
CA SER D 22 1.71 -7.59 41.65
C SER D 22 2.68 -8.76 41.69
N TYR D 23 2.38 -9.78 40.87
CA TYR D 23 3.21 -10.97 40.75
C TYR D 23 4.68 -10.58 40.57
#